data_4WOD
#
_entry.id   4WOD
#
_cell.length_a   51.920
_cell.length_b   123.070
_cell.length_c   62.740
_cell.angle_alpha   90.00
_cell.angle_beta   108.07
_cell.angle_gamma   90.00
#
_symmetry.space_group_name_H-M   'P 1 21 1'
#
loop_
_entity.id
_entity.type
_entity.pdbx_description
1 polymer 'Taurocyamine kinase'
2 non-polymer ARGININE
3 water water
#
_entity_poly.entity_id   1
_entity_poly.type   'polypeptide(L)'
_entity_poly.pdbx_seq_one_letter_code
;MQVESLQNLQVKIRNDERNHSLTKKYLTDDIVKKYQATKTSLGGTLAQCVNTNAYNPGALLPRSCDLNAYETFRDFFDAV
IADYHKVPDGKIQHPKSNFGDLKSLSFTDLNTYGNLVVSTRVRLGRTVEGFGFGPTLTKETRIELENKISTALHNLSGEY
EGTYYPLTGMSEEDRIKLVNDHFLFRNDDNVLRDAGGYIDWPTGRGIFINKQKNFLVWINEEDHIRVISMQKGGGLTAVY
KRLADAIQELSKSLKFAFNDRLGFITFCPSNLGTTLRASVHAKIPMLASLPNFKEICEKHGIQPRGTHGEHTESVGGIYD
LSNKRRLGLTELDAVTEMHSGVRALLELEVMLQEYNKGAPEGVMPVEPLTYLAKLLEGASIEKCYTRKYLTPEIIKKYDG
KRTTHGATLAHMIRNGAYNNRSICPRTGEAECYSTFIDYLDPLICDYHGVKDSAFKHPAPTFGDLSKLPFGDLDPTGKFI
VSTRVRVGRSVEGFLFPTIMSKTDRIKLEQVISGALKGLTGEHAGTYYPLTDMKEEDRKQLVEDHFLFKNDDPVLRDAGG
YRDWPVGRGIFHNNSKTFLVWVCEEDHMRIISMQQGGNLAAVYKRLIEGINAIGKSMKFAHSDKYGYITCCPSNLGTSMR
ASVLLKIPKLSSQPKKLDEICAKYMLQARGLYGEHTESPDGTYDISNKRRLGLTELQAAHEMAEGVAKMIEIEKGL
;
_entity_poly.pdbx_strand_id   A
#
# COMPACT_ATOMS: atom_id res chain seq x y z
N MET A 1 -4.31 -0.40 -39.68
CA MET A 1 -4.84 0.53 -38.68
C MET A 1 -4.21 1.92 -38.83
N GLN A 2 -5.05 2.91 -39.15
CA GLN A 2 -4.58 4.27 -39.34
C GLN A 2 -4.68 5.03 -38.02
N VAL A 3 -3.55 5.55 -37.57
CA VAL A 3 -3.46 6.33 -36.34
C VAL A 3 -2.68 7.62 -36.60
N GLU A 4 -2.76 8.56 -35.67
CA GLU A 4 -1.99 9.82 -35.75
C GLU A 4 -0.48 9.61 -35.77
N SER A 5 0.25 10.63 -36.25
CA SER A 5 1.70 10.65 -36.06
C SER A 5 2.14 10.36 -34.63
N LEU A 6 3.26 9.66 -34.52
CA LEU A 6 3.88 9.40 -33.22
C LEU A 6 4.12 10.70 -32.44
N GLN A 7 4.61 11.73 -33.12
CA GLN A 7 4.82 12.99 -32.40
C GLN A 7 3.51 13.54 -31.83
N ASN A 8 2.40 13.43 -32.57
CA ASN A 8 1.11 13.87 -32.04
C ASN A 8 0.70 13.11 -30.82
N LEU A 9 0.91 11.81 -30.87
CA LEU A 9 0.48 10.91 -29.81
C LEU A 9 1.31 11.19 -28.54
N GLN A 10 2.59 11.46 -28.73
CA GLN A 10 3.46 11.80 -27.62
C GLN A 10 2.98 13.07 -26.92
N VAL A 11 2.77 14.13 -27.68
CA VAL A 11 2.20 15.37 -27.13
C VAL A 11 0.86 15.14 -26.39
N LYS A 12 -0.04 14.35 -26.95
CA LYS A 12 -1.31 14.03 -26.29
C LYS A 12 -1.09 13.33 -24.95
N ILE A 13 -0.26 12.30 -24.97
CA ILE A 13 0.06 11.54 -23.78
C ILE A 13 0.76 12.42 -22.74
N ARG A 14 1.70 13.26 -23.16
CA ARG A 14 2.41 14.12 -22.21
C ARG A 14 1.52 15.23 -21.64
N ASN A 15 0.67 15.81 -22.48
CA ASN A 15 -0.22 16.88 -22.06
C ASN A 15 -1.37 16.40 -21.17
N ASP A 16 -1.49 15.10 -21.00
CA ASP A 16 -2.63 14.56 -20.26
C ASP A 16 -2.25 14.34 -18.79
N GLU A 17 -2.80 15.17 -17.92
CA GLU A 17 -2.47 15.14 -16.51
C GLU A 17 -2.90 13.82 -15.84
N ARG A 18 -3.90 13.16 -16.43
CA ARG A 18 -4.42 11.90 -15.93
C ARG A 18 -3.53 10.73 -16.34
N ASN A 19 -2.67 10.95 -17.32
CA ASN A 19 -1.82 9.88 -17.81
C ASN A 19 -0.55 9.77 -16.98
N HIS A 20 -0.34 8.60 -16.37
CA HIS A 20 0.87 8.29 -15.62
C HIS A 20 1.44 6.97 -16.07
N SER A 21 1.36 6.70 -17.37
CA SER A 21 1.73 5.39 -17.90
C SER A 21 3.24 5.24 -18.01
N LEU A 22 3.72 4.01 -18.10
CA LEU A 22 5.12 3.81 -18.43
C LEU A 22 5.39 4.25 -19.86
N THR A 23 4.35 4.26 -20.70
CA THR A 23 4.47 4.78 -22.07
C THR A 23 4.85 6.25 -22.04
N LYS A 24 4.21 6.99 -21.16
CA LYS A 24 4.50 8.40 -21.01
C LYS A 24 5.94 8.58 -20.50
N LYS A 25 6.33 7.69 -19.60
CA LYS A 25 7.64 7.77 -18.96
C LYS A 25 8.77 7.58 -19.95
N TYR A 26 8.62 6.64 -20.88
CA TYR A 26 9.73 6.29 -21.74
C TYR A 26 9.59 6.76 -23.19
N LEU A 27 8.44 7.32 -23.56
CA LEU A 27 8.29 7.83 -24.93
C LEU A 27 8.90 9.24 -25.02
N THR A 28 10.23 9.28 -24.97
CA THR A 28 10.96 10.55 -24.91
C THR A 28 11.12 11.17 -26.29
N ASP A 29 11.52 12.44 -26.31
CA ASP A 29 11.87 13.10 -27.56
C ASP A 29 12.87 12.27 -28.38
N ASP A 30 13.90 11.74 -27.72
CA ASP A 30 14.92 11.00 -28.47
C ASP A 30 14.33 9.73 -29.08
N ILE A 31 13.44 9.09 -28.32
CA ILE A 31 12.81 7.86 -28.78
C ILE A 31 11.92 8.13 -30.00
N VAL A 32 11.14 9.21 -29.92
CA VAL A 32 10.30 9.61 -31.06
C VAL A 32 11.14 9.91 -32.29
N LYS A 33 12.24 10.64 -32.08
CA LYS A 33 13.13 11.01 -33.18
C LYS A 33 13.74 9.78 -33.83
N LYS A 34 14.12 8.81 -33.01
CA LYS A 34 14.72 7.60 -33.51
C LYS A 34 13.76 6.73 -34.33
N TYR A 35 12.51 6.61 -33.87
CA TYR A 35 11.61 5.59 -34.41
C TYR A 35 10.42 6.08 -35.25
N GLN A 36 10.29 7.38 -35.48
CA GLN A 36 9.02 7.87 -36.03
C GLN A 36 8.79 7.45 -37.49
N ALA A 37 9.82 6.99 -38.19
CA ALA A 37 9.67 6.49 -39.55
C ALA A 37 9.94 5.00 -39.65
N THR A 38 10.30 4.37 -38.53
CA THR A 38 10.65 2.96 -38.56
C THR A 38 9.41 2.03 -38.60
N LYS A 39 9.50 1.00 -39.45
CA LYS A 39 8.46 -0.02 -39.56
C LYS A 39 9.00 -1.41 -39.14
N THR A 40 8.18 -2.21 -38.47
CA THR A 40 8.56 -3.59 -38.19
C THR A 40 8.61 -4.40 -39.48
N SER A 41 8.98 -5.67 -39.37
CA SER A 41 8.98 -6.51 -40.56
C SER A 41 7.56 -6.83 -41.03
N LEU A 42 6.57 -6.63 -40.17
CA LEU A 42 5.18 -6.82 -40.57
C LEU A 42 4.53 -5.48 -40.89
N GLY A 43 5.34 -4.42 -40.88
CA GLY A 43 4.92 -3.11 -41.34
C GLY A 43 4.30 -2.21 -40.27
N GLY A 44 4.37 -2.65 -39.02
CA GLY A 44 3.80 -1.89 -37.92
C GLY A 44 4.68 -0.74 -37.45
N THR A 45 4.07 0.25 -36.81
CA THR A 45 4.77 1.42 -36.29
C THR A 45 4.62 1.57 -34.78
N LEU A 46 5.54 2.32 -34.16
CA LEU A 46 5.46 2.61 -32.73
C LEU A 46 4.21 3.42 -32.38
N ALA A 47 3.80 4.31 -33.28
CA ALA A 47 2.51 5.00 -33.11
C ALA A 47 1.36 4.00 -32.89
N GLN A 48 1.35 2.91 -33.66
CA GLN A 48 0.31 1.91 -33.48
C GLN A 48 0.40 1.26 -32.11
N CYS A 49 1.63 1.06 -31.62
CA CYS A 49 1.84 0.49 -30.28
C CYS A 49 1.33 1.37 -29.13
N VAL A 50 1.53 2.68 -29.24
CA VAL A 50 1.23 3.61 -28.13
C VAL A 50 -0.10 4.34 -28.26
N ASN A 51 -0.76 4.14 -29.39
CA ASN A 51 -2.02 4.80 -29.69
C ASN A 51 -3.03 4.71 -28.56
N THR A 52 -3.22 3.52 -28.00
CA THR A 52 -4.24 3.35 -26.96
C THR A 52 -3.90 4.19 -25.71
N ASN A 53 -2.62 4.48 -25.47
CA ASN A 53 -2.25 5.28 -24.31
C ASN A 53 -2.73 6.72 -24.45
N ALA A 54 -2.76 7.21 -25.68
CA ALA A 54 -3.19 8.58 -25.94
C ALA A 54 -4.65 8.80 -25.58
N TYR A 55 -5.46 7.74 -25.60
CA TYR A 55 -6.90 7.89 -25.42
C TYR A 55 -7.38 7.25 -24.14
N ASN A 56 -6.56 6.40 -23.56
CA ASN A 56 -6.90 5.77 -22.30
C ASN A 56 -5.83 6.05 -21.23
N PRO A 57 -5.97 7.18 -20.52
CA PRO A 57 -4.93 7.56 -19.55
C PRO A 57 -4.74 6.58 -18.39
N GLY A 58 -5.72 5.71 -18.14
CA GLY A 58 -5.60 4.75 -17.06
C GLY A 58 -4.70 3.58 -17.41
N ALA A 59 -4.45 3.40 -18.71
CA ALA A 59 -3.62 2.28 -19.16
C ALA A 59 -2.15 2.51 -18.80
N LEU A 60 -1.55 1.49 -18.19
CA LEU A 60 -0.16 1.56 -17.74
C LEU A 60 0.88 1.28 -18.84
N LEU A 61 0.52 0.41 -19.76
CA LEU A 61 1.46 -0.15 -20.74
C LEU A 61 1.08 0.16 -22.19
N PRO A 62 2.08 0.18 -23.10
CA PRO A 62 1.71 0.21 -24.52
C PRO A 62 1.17 -1.16 -24.93
N ARG A 63 0.88 -1.33 -26.22
CA ARG A 63 0.69 -2.68 -26.72
C ARG A 63 1.69 -2.88 -27.83
N SER A 64 1.51 -3.91 -28.66
CA SER A 64 2.46 -4.13 -29.74
C SER A 64 1.72 -4.32 -31.05
N CYS A 65 2.18 -3.59 -32.06
CA CYS A 65 1.61 -3.67 -33.40
C CYS A 65 1.74 -5.08 -34.00
N ASP A 66 2.81 -5.78 -33.63
CA ASP A 66 3.02 -7.17 -34.02
C ASP A 66 4.19 -7.69 -33.18
N LEU A 67 4.54 -8.95 -33.35
CA LEU A 67 5.51 -9.61 -32.47
C LEU A 67 6.93 -9.05 -32.61
N ASN A 68 7.20 -8.40 -33.74
CA ASN A 68 8.51 -7.82 -33.99
C ASN A 68 8.69 -6.45 -33.39
N ALA A 69 7.62 -5.93 -32.78
CA ALA A 69 7.68 -4.59 -32.20
C ALA A 69 8.74 -4.55 -31.10
N TYR A 70 8.85 -5.64 -30.34
CA TYR A 70 9.75 -5.64 -29.20
C TYR A 70 11.20 -5.49 -29.65
N GLU A 71 11.55 -6.14 -30.76
CA GLU A 71 12.87 -5.98 -31.35
C GLU A 71 13.05 -4.64 -32.08
N THR A 72 12.06 -4.26 -32.88
CA THR A 72 12.18 -3.10 -33.78
C THR A 72 12.26 -1.80 -32.98
N PHE A 73 11.44 -1.69 -31.94
CA PHE A 73 11.53 -0.50 -31.07
C PHE A 73 12.09 -0.85 -29.69
N ARG A 74 13.19 -1.60 -29.71
CA ARG A 74 13.75 -2.15 -28.47
C ARG A 74 14.14 -1.15 -27.37
N ASP A 75 14.68 0.01 -27.74
CA ASP A 75 15.11 0.98 -26.72
C ASP A 75 13.93 1.40 -25.86
N PHE A 76 12.75 1.47 -26.49
CA PHE A 76 11.52 1.83 -25.80
C PHE A 76 10.95 0.65 -25.00
N PHE A 77 10.74 -0.47 -25.67
CA PHE A 77 10.08 -1.61 -24.99
C PHE A 77 10.93 -2.23 -23.86
N ASP A 78 12.25 -2.28 -24.05
CA ASP A 78 13.10 -2.87 -23.01
C ASP A 78 13.02 -2.03 -21.74
N ALA A 79 12.95 -0.72 -21.93
CA ALA A 79 12.80 0.20 -20.81
C ALA A 79 11.47 -0.04 -20.10
N VAL A 80 10.38 -0.16 -20.87
CA VAL A 80 9.06 -0.40 -20.30
C VAL A 80 8.99 -1.74 -19.56
N ILE A 81 9.56 -2.77 -20.18
CA ILE A 81 9.48 -4.13 -19.67
C ILE A 81 10.30 -4.28 -18.40
N ALA A 82 11.53 -3.76 -18.42
CA ALA A 82 12.41 -3.76 -17.25
C ALA A 82 11.73 -3.07 -16.07
N ASP A 83 11.07 -1.95 -16.34
CA ASP A 83 10.35 -1.22 -15.32
C ASP A 83 9.14 -2.00 -14.74
N TYR A 84 8.23 -2.43 -15.63
CA TYR A 84 7.01 -3.13 -15.21
C TYR A 84 7.29 -4.45 -14.49
N HIS A 85 8.23 -5.22 -15.05
CA HIS A 85 8.52 -6.53 -14.49
C HIS A 85 9.60 -6.48 -13.41
N LYS A 86 10.00 -5.25 -13.06
CA LYS A 86 11.01 -4.99 -12.01
C LYS A 86 12.27 -5.80 -12.23
N VAL A 87 12.82 -5.68 -13.43
CA VAL A 87 14.01 -6.43 -13.82
C VAL A 87 15.20 -5.63 -13.37
N PRO A 88 16.02 -6.24 -12.49
CA PRO A 88 17.12 -5.65 -11.72
C PRO A 88 17.89 -4.55 -12.45
N ASP A 89 18.80 -4.94 -13.32
CA ASP A 89 19.67 -3.97 -13.97
C ASP A 89 19.27 -3.84 -15.43
N GLY A 90 17.97 -3.95 -15.68
CA GLY A 90 17.47 -3.98 -17.05
C GLY A 90 18.05 -5.18 -17.77
N LYS A 91 18.39 -6.21 -17.01
CA LYS A 91 19.03 -7.41 -17.54
C LYS A 91 17.98 -8.46 -17.89
N ILE A 92 17.10 -8.10 -18.83
CA ILE A 92 15.95 -8.92 -19.11
C ILE A 92 16.35 -10.28 -19.66
N GLN A 93 15.87 -11.34 -19.03
CA GLN A 93 16.15 -12.67 -19.57
C GLN A 93 15.03 -13.63 -19.17
N HIS A 94 14.94 -14.74 -19.89
CA HIS A 94 13.89 -15.71 -19.59
C HIS A 94 14.35 -17.12 -19.91
N PRO A 95 14.08 -18.07 -19.00
CA PRO A 95 14.52 -19.46 -19.23
C PRO A 95 13.67 -20.21 -20.26
N LYS A 96 14.19 -21.30 -20.79
CA LYS A 96 13.38 -22.18 -21.62
C LYS A 96 12.14 -22.59 -20.84
N SER A 97 11.05 -22.79 -21.57
CA SER A 97 9.79 -23.26 -21.01
C SER A 97 10.00 -24.57 -20.27
N ASN A 98 9.44 -24.68 -19.07
CA ASN A 98 9.48 -25.91 -18.29
C ASN A 98 8.30 -25.99 -17.32
N PHE A 99 7.32 -26.83 -17.68
CA PHE A 99 6.12 -27.05 -16.89
C PHE A 99 6.41 -28.02 -15.74
N GLY A 100 7.51 -28.75 -15.85
CA GLY A 100 7.92 -29.70 -14.82
C GLY A 100 7.64 -31.13 -15.24
N ASP A 101 8.01 -32.08 -14.39
CA ASP A 101 7.72 -33.48 -14.62
C ASP A 101 6.27 -33.78 -14.30
N LEU A 102 5.41 -33.74 -15.32
CA LEU A 102 3.97 -33.80 -15.10
C LEU A 102 3.55 -35.09 -14.40
N LYS A 103 4.12 -36.23 -14.78
CA LYS A 103 3.73 -37.51 -14.18
C LYS A 103 3.91 -37.54 -12.64
N SER A 104 4.90 -36.81 -12.12
CA SER A 104 5.21 -36.88 -10.69
C SER A 104 4.87 -35.58 -9.95
N LEU A 105 4.39 -34.58 -10.68
CA LEU A 105 4.09 -33.30 -10.05
C LEU A 105 2.81 -33.36 -9.24
N SER A 106 2.86 -32.80 -8.04
CA SER A 106 1.71 -32.80 -7.16
C SER A 106 1.71 -31.64 -6.17
N PHE A 107 0.60 -30.92 -6.14
CA PHE A 107 0.35 -29.83 -5.17
C PHE A 107 -0.81 -30.18 -4.24
N THR A 108 -0.74 -29.75 -2.99
CA THR A 108 -1.85 -30.01 -2.07
C THR A 108 -3.09 -29.28 -2.59
N ASP A 109 -4.27 -29.84 -2.35
CA ASP A 109 -5.50 -29.18 -2.74
C ASP A 109 -5.62 -27.91 -1.92
N LEU A 110 -5.93 -26.78 -2.57
CA LEU A 110 -5.89 -25.50 -1.86
C LEU A 110 -7.03 -25.35 -0.84
N ASN A 111 -8.07 -26.17 -0.96
CA ASN A 111 -9.14 -26.09 0.01
C ASN A 111 -8.79 -26.76 1.33
N THR A 112 -7.62 -27.40 1.37
CA THR A 112 -7.08 -27.89 2.64
C THR A 112 -6.97 -26.75 3.67
N TYR A 113 -6.76 -25.53 3.19
CA TYR A 113 -6.51 -24.38 4.08
C TYR A 113 -7.77 -23.57 4.34
N GLY A 114 -8.72 -24.21 5.03
CA GLY A 114 -9.91 -23.53 5.47
C GLY A 114 -11.13 -23.67 4.58
N ASN A 115 -11.00 -24.44 3.50
CA ASN A 115 -12.08 -24.60 2.52
C ASN A 115 -12.66 -23.26 2.03
N LEU A 116 -11.76 -22.39 1.57
CA LEU A 116 -12.11 -21.02 1.17
C LEU A 116 -12.12 -20.83 -0.34
N VAL A 117 -11.68 -21.83 -1.08
CA VAL A 117 -11.48 -21.62 -2.51
C VAL A 117 -12.70 -22.04 -3.34
N VAL A 118 -13.31 -21.08 -4.04
CA VAL A 118 -14.46 -21.34 -4.91
C VAL A 118 -14.04 -22.08 -6.19
N SER A 119 -12.99 -21.57 -6.81
CA SER A 119 -12.51 -22.13 -8.06
C SER A 119 -11.04 -21.82 -8.28
N THR A 120 -10.45 -22.57 -9.20
CA THR A 120 -9.05 -22.50 -9.50
C THR A 120 -8.94 -22.46 -11.02
N ARG A 121 -8.01 -21.65 -11.51
CA ARG A 121 -7.92 -21.42 -12.93
C ARG A 121 -6.44 -21.18 -13.29
N VAL A 122 -5.98 -21.74 -14.40
CA VAL A 122 -4.65 -21.37 -14.93
C VAL A 122 -4.76 -20.97 -16.41
N ARG A 123 -4.14 -19.85 -16.74
CA ARG A 123 -4.24 -19.24 -18.05
C ARG A 123 -2.86 -19.04 -18.66
N LEU A 124 -2.73 -19.30 -19.97
CA LEU A 124 -1.58 -18.87 -20.73
C LEU A 124 -2.01 -18.35 -22.11
N GLY A 125 -1.05 -17.76 -22.82
CA GLY A 125 -1.28 -17.19 -24.14
C GLY A 125 -0.12 -17.54 -25.05
N ARG A 126 -0.36 -17.50 -26.36
CA ARG A 126 0.69 -17.69 -27.35
C ARG A 126 0.48 -16.82 -28.58
N THR A 127 1.59 -16.42 -29.17
CA THR A 127 1.64 -15.76 -30.45
C THR A 127 2.09 -16.77 -31.49
N VAL A 128 1.34 -16.89 -32.58
CA VAL A 128 1.76 -17.76 -33.68
C VAL A 128 2.72 -16.99 -34.62
N GLU A 129 3.91 -17.54 -34.86
CA GLU A 129 4.87 -16.92 -35.79
C GLU A 129 4.28 -16.65 -37.17
N GLY A 130 4.67 -15.53 -37.76
CA GLY A 130 4.31 -15.20 -39.12
C GLY A 130 3.08 -14.34 -39.23
N PHE A 131 2.46 -13.99 -38.10
CA PHE A 131 1.22 -13.21 -38.15
C PHE A 131 1.32 -12.01 -37.24
N GLY A 132 0.72 -10.90 -37.63
CA GLY A 132 0.74 -9.71 -36.82
C GLY A 132 -0.31 -9.75 -35.72
N PHE A 133 -0.44 -8.63 -35.01
CA PHE A 133 -1.48 -8.43 -34.03
C PHE A 133 -2.53 -7.53 -34.66
N GLY A 134 -3.55 -7.16 -33.87
CA GLY A 134 -4.62 -6.26 -34.30
C GLY A 134 -4.28 -5.22 -35.37
N PRO A 135 -3.28 -4.36 -35.12
CA PRO A 135 -2.92 -3.26 -36.02
C PRO A 135 -2.31 -3.67 -37.35
N THR A 136 -1.80 -4.90 -37.46
CA THR A 136 -1.08 -5.28 -38.66
C THR A 136 -1.70 -6.45 -39.42
N LEU A 137 -2.69 -7.11 -38.84
CA LEU A 137 -3.40 -8.18 -39.54
C LEU A 137 -4.25 -7.59 -40.66
N THR A 138 -4.46 -8.36 -41.71
CA THR A 138 -5.51 -8.05 -42.67
C THR A 138 -6.74 -8.85 -42.30
N LYS A 139 -7.88 -8.55 -42.92
CA LYS A 139 -9.07 -9.36 -42.65
C LYS A 139 -8.78 -10.81 -43.00
N GLU A 140 -8.09 -11.00 -44.13
CA GLU A 140 -7.75 -12.35 -44.58
C GLU A 140 -6.72 -13.05 -43.70
N THR A 141 -5.67 -12.36 -43.27
CA THR A 141 -4.67 -13.07 -42.47
C THR A 141 -5.19 -13.44 -41.08
N ARG A 142 -6.08 -12.62 -40.50
CA ARG A 142 -6.65 -13.00 -39.22
C ARG A 142 -7.46 -14.30 -39.36
N ILE A 143 -8.19 -14.44 -40.46
CA ILE A 143 -9.01 -15.62 -40.70
C ILE A 143 -8.10 -16.82 -41.00
N GLU A 144 -7.06 -16.60 -41.80
CA GLU A 144 -6.08 -17.69 -42.03
C GLU A 144 -5.47 -18.20 -40.69
N LEU A 145 -5.18 -17.26 -39.79
CA LEU A 145 -4.64 -17.59 -38.46
C LEU A 145 -5.68 -18.39 -37.65
N GLU A 146 -6.92 -17.92 -37.69
CA GLU A 146 -8.02 -18.64 -37.02
C GLU A 146 -8.13 -20.08 -37.53
N ASN A 147 -8.10 -20.24 -38.86
CA ASN A 147 -8.20 -21.57 -39.46
C ASN A 147 -7.04 -22.47 -39.03
N LYS A 148 -5.83 -21.92 -39.07
CA LYS A 148 -4.64 -22.62 -38.63
C LYS A 148 -4.81 -23.09 -37.18
N ILE A 149 -5.32 -22.19 -36.34
CA ILE A 149 -5.50 -22.54 -34.92
C ILE A 149 -6.66 -23.53 -34.68
N SER A 150 -7.81 -23.31 -35.32
CA SER A 150 -8.93 -24.24 -35.08
C SER A 150 -8.58 -25.64 -35.59
N THR A 151 -7.74 -25.70 -36.62
CA THR A 151 -7.33 -27.00 -37.15
C THR A 151 -6.47 -27.75 -36.14
N ALA A 152 -5.54 -27.03 -35.51
CA ALA A 152 -4.71 -27.56 -34.42
C ALA A 152 -5.58 -28.00 -33.24
N LEU A 153 -6.60 -27.23 -32.92
CA LEU A 153 -7.48 -27.57 -31.80
C LEU A 153 -8.32 -28.80 -32.14
N HIS A 154 -8.70 -28.95 -33.39
CA HIS A 154 -9.51 -30.09 -33.81
C HIS A 154 -8.73 -31.39 -33.66
N ASN A 155 -7.41 -31.28 -33.55
CA ASN A 155 -6.55 -32.44 -33.49
C ASN A 155 -6.10 -32.82 -32.08
N LEU A 156 -6.63 -32.15 -31.06
CA LEU A 156 -6.39 -32.56 -29.68
C LEU A 156 -7.21 -33.81 -29.39
N SER A 157 -6.63 -34.74 -28.65
CA SER A 157 -7.32 -36.02 -28.40
C SER A 157 -8.19 -36.01 -27.14
N GLY A 158 -8.66 -37.20 -26.79
CA GLY A 158 -9.53 -37.48 -25.66
C GLY A 158 -10.11 -36.36 -24.82
N GLU A 159 -9.44 -36.06 -23.71
CA GLU A 159 -9.90 -35.07 -22.73
C GLU A 159 -10.30 -33.74 -23.35
N TYR A 160 -9.58 -33.35 -24.40
CA TYR A 160 -9.78 -32.03 -24.98
C TYR A 160 -10.84 -32.01 -26.06
N GLU A 161 -11.46 -33.15 -26.33
CA GLU A 161 -12.48 -33.20 -27.37
C GLU A 161 -13.63 -32.26 -27.03
N GLY A 162 -14.09 -31.52 -28.03
CA GLY A 162 -15.08 -30.50 -27.78
C GLY A 162 -15.51 -29.76 -29.04
N THR A 163 -15.94 -28.52 -28.88
CA THR A 163 -16.55 -27.78 -29.97
C THR A 163 -15.95 -26.39 -30.21
N TYR A 164 -15.69 -26.08 -31.48
CA TYR A 164 -15.26 -24.75 -31.86
C TYR A 164 -16.44 -23.86 -32.25
N TYR A 165 -16.57 -22.70 -31.61
CA TYR A 165 -17.62 -21.75 -31.92
C TYR A 165 -17.05 -20.47 -32.53
N PRO A 166 -17.10 -20.34 -33.87
CA PRO A 166 -16.67 -19.06 -34.45
C PRO A 166 -17.67 -17.96 -34.09
N LEU A 167 -17.15 -16.78 -33.73
CA LEU A 167 -17.99 -15.65 -33.38
C LEU A 167 -18.90 -15.25 -34.51
N THR A 168 -18.34 -15.24 -35.72
CA THR A 168 -19.08 -14.88 -36.90
C THR A 168 -20.19 -15.89 -37.12
N GLY A 169 -21.42 -15.40 -37.26
CA GLY A 169 -22.56 -16.27 -37.42
C GLY A 169 -23.20 -16.85 -36.17
N MET A 170 -22.47 -16.81 -35.05
CA MET A 170 -23.02 -17.20 -33.76
C MET A 170 -24.36 -16.50 -33.50
N SER A 171 -25.37 -17.27 -33.12
CA SER A 171 -26.67 -16.68 -32.83
C SER A 171 -26.57 -15.85 -31.56
N GLU A 172 -27.45 -14.87 -31.43
CA GLU A 172 -27.44 -14.01 -30.24
C GLU A 172 -27.84 -14.81 -29.01
N GLU A 173 -28.58 -15.90 -29.20
CA GLU A 173 -28.97 -16.75 -28.09
C GLU A 173 -27.76 -17.52 -27.56
N ASP A 174 -26.91 -17.96 -28.47
CA ASP A 174 -25.68 -18.66 -28.08
C ASP A 174 -24.71 -17.68 -27.45
N ARG A 175 -24.64 -16.49 -28.04
CA ARG A 175 -23.86 -15.39 -27.49
C ARG A 175 -24.25 -15.12 -26.03
N ILE A 176 -25.55 -15.00 -25.78
CA ILE A 176 -26.06 -14.74 -24.44
C ILE A 176 -25.73 -15.89 -23.51
N LYS A 177 -25.99 -17.11 -23.97
CA LYS A 177 -25.70 -18.29 -23.17
C LYS A 177 -24.21 -18.41 -22.80
N LEU A 178 -23.34 -18.16 -23.78
CA LEU A 178 -21.90 -18.38 -23.61
C LEU A 178 -21.26 -17.32 -22.74
N VAL A 179 -21.75 -16.09 -22.84
CA VAL A 179 -21.25 -15.04 -21.96
C VAL A 179 -21.78 -15.27 -20.55
N ASN A 180 -22.99 -15.82 -20.44
CA ASN A 180 -23.55 -16.15 -19.13
C ASN A 180 -22.74 -17.23 -18.43
N ASP A 181 -22.25 -18.19 -19.20
CA ASP A 181 -21.37 -19.21 -18.66
C ASP A 181 -19.91 -18.75 -18.61
N HIS A 182 -19.69 -17.48 -18.96
CA HIS A 182 -18.37 -16.87 -18.98
C HIS A 182 -17.38 -17.60 -19.87
N PHE A 183 -17.86 -18.11 -20.99
CA PHE A 183 -16.98 -18.70 -21.98
C PHE A 183 -16.69 -17.74 -23.13
N LEU A 184 -17.49 -16.71 -23.26
CA LEU A 184 -17.39 -15.86 -24.44
C LEU A 184 -16.83 -14.48 -24.11
N PHE A 185 -15.97 -13.98 -24.99
CA PHE A 185 -15.42 -12.66 -24.82
C PHE A 185 -16.21 -11.67 -25.65
N ARG A 186 -16.16 -10.40 -25.26
CA ARG A 186 -16.92 -9.37 -25.95
C ARG A 186 -16.01 -8.22 -26.35
N ASN A 187 -16.51 -7.37 -27.24
CA ASN A 187 -15.77 -6.18 -27.63
C ASN A 187 -16.12 -5.00 -26.72
N ASP A 188 -15.76 -5.10 -25.45
CA ASP A 188 -16.16 -4.09 -24.49
C ASP A 188 -15.00 -3.41 -23.73
N ASP A 189 -13.76 -3.62 -24.19
CA ASP A 189 -12.58 -3.03 -23.54
C ASP A 189 -12.02 -1.92 -24.41
N ASN A 190 -12.13 -0.67 -23.97
CA ASN A 190 -11.73 0.44 -24.81
C ASN A 190 -10.20 0.53 -25.00
N VAL A 191 -9.45 -0.03 -24.05
CA VAL A 191 -7.99 -0.04 -24.20
C VAL A 191 -7.68 -0.98 -25.37
N LEU A 192 -8.28 -2.15 -25.34
CA LEU A 192 -8.12 -3.11 -26.43
C LEU A 192 -8.62 -2.52 -27.74
N ARG A 193 -9.76 -1.84 -27.71
CA ARG A 193 -10.29 -1.20 -28.91
C ARG A 193 -9.28 -0.24 -29.53
N ASP A 194 -8.69 0.64 -28.72
CA ASP A 194 -7.83 1.68 -29.27
C ASP A 194 -6.41 1.21 -29.61
N ALA A 195 -6.12 -0.03 -29.22
CA ALA A 195 -4.91 -0.71 -29.64
C ALA A 195 -5.12 -1.58 -30.88
N GLY A 196 -6.30 -1.48 -31.51
CA GLY A 196 -6.62 -2.22 -32.72
C GLY A 196 -7.18 -3.62 -32.52
N GLY A 197 -7.67 -3.90 -31.33
CA GLY A 197 -8.13 -5.26 -31.02
C GLY A 197 -9.43 -5.73 -31.64
N TYR A 198 -10.25 -4.80 -32.14
CA TYR A 198 -11.57 -5.21 -32.63
C TYR A 198 -11.76 -4.91 -34.11
N ILE A 199 -10.66 -4.74 -34.84
CA ILE A 199 -10.74 -4.47 -36.25
C ILE A 199 -11.35 -5.69 -36.98
N ASP A 200 -12.25 -5.42 -37.91
CA ASP A 200 -12.99 -6.44 -38.68
C ASP A 200 -13.81 -7.35 -37.78
N TRP A 201 -14.29 -6.83 -36.65
CA TRP A 201 -15.15 -7.57 -35.71
C TRP A 201 -16.41 -8.04 -36.44
N PRO A 202 -16.82 -9.31 -36.25
CA PRO A 202 -16.26 -10.31 -35.34
C PRO A 202 -15.48 -11.38 -36.09
N THR A 203 -15.01 -11.08 -37.29
CA THR A 203 -14.35 -12.11 -38.11
C THR A 203 -13.01 -12.56 -37.55
N GLY A 204 -12.64 -13.80 -37.87
CA GLY A 204 -11.34 -14.30 -37.50
C GLY A 204 -11.21 -14.68 -36.04
N ARG A 205 -12.34 -14.69 -35.33
CA ARG A 205 -12.37 -14.91 -33.88
C ARG A 205 -13.30 -16.03 -33.49
N GLY A 206 -12.98 -16.69 -32.38
CA GLY A 206 -13.85 -17.71 -31.87
C GLY A 206 -13.43 -18.27 -30.54
N ILE A 207 -14.23 -19.21 -30.03
CA ILE A 207 -13.88 -19.88 -28.79
C ILE A 207 -14.01 -21.38 -28.93
N PHE A 208 -13.22 -22.11 -28.13
CA PHE A 208 -13.27 -23.57 -28.14
C PHE A 208 -13.47 -24.06 -26.70
N ILE A 209 -14.39 -25.02 -26.53
CA ILE A 209 -14.69 -25.60 -25.22
C ILE A 209 -14.70 -27.11 -25.32
N ASN A 210 -14.10 -27.79 -24.35
CA ASN A 210 -14.17 -29.24 -24.35
C ASN A 210 -15.46 -29.72 -23.70
N LYS A 211 -15.75 -31.01 -23.86
CA LYS A 211 -17.01 -31.55 -23.38
C LYS A 211 -17.16 -31.38 -21.88
N GLN A 212 -16.07 -31.54 -21.12
CA GLN A 212 -16.14 -31.41 -19.66
C GLN A 212 -16.22 -29.97 -19.19
N LYS A 213 -16.12 -29.02 -20.11
CA LYS A 213 -16.20 -27.58 -19.79
C LYS A 213 -15.18 -27.13 -18.73
N ASN A 214 -14.00 -27.74 -18.75
CA ASN A 214 -12.91 -27.35 -17.87
C ASN A 214 -11.66 -26.91 -18.66
N PHE A 215 -11.84 -26.72 -19.97
CA PHE A 215 -10.78 -26.33 -20.91
C PHE A 215 -11.40 -25.41 -21.93
N LEU A 216 -10.82 -24.23 -22.09
CA LEU A 216 -11.45 -23.16 -22.88
C LEU A 216 -10.39 -22.43 -23.69
N VAL A 217 -10.66 -22.17 -24.98
CA VAL A 217 -9.68 -21.45 -25.80
C VAL A 217 -10.26 -20.25 -26.54
N TRP A 218 -9.62 -19.09 -26.40
CA TRP A 218 -10.00 -17.89 -27.12
C TRP A 218 -9.06 -17.68 -28.31
N ILE A 219 -9.65 -17.54 -29.50
CA ILE A 219 -8.87 -17.31 -30.70
C ILE A 219 -9.03 -15.85 -31.15
N ASN A 220 -7.92 -15.13 -31.17
CA ASN A 220 -7.82 -13.75 -31.67
C ASN A 220 -8.63 -12.74 -30.87
N GLU A 221 -8.84 -13.04 -29.59
CA GLU A 221 -9.50 -12.08 -28.71
C GLU A 221 -8.57 -10.89 -28.45
N GLU A 222 -7.27 -11.16 -28.35
CA GLU A 222 -6.26 -10.14 -28.07
C GLU A 222 -4.92 -10.72 -28.48
N ASP A 223 -4.53 -11.78 -27.77
CA ASP A 223 -3.48 -12.66 -28.24
C ASP A 223 -4.05 -13.61 -29.28
N HIS A 224 -3.16 -14.25 -30.04
CA HIS A 224 -3.57 -15.19 -31.06
C HIS A 224 -4.37 -16.30 -30.40
N ILE A 225 -3.77 -16.86 -29.35
CA ILE A 225 -4.38 -17.91 -28.55
C ILE A 225 -4.32 -17.56 -27.07
N ARG A 226 -5.43 -17.71 -26.37
CA ARG A 226 -5.44 -17.69 -24.93
C ARG A 226 -6.04 -19.01 -24.47
N VAL A 227 -5.29 -19.76 -23.69
CA VAL A 227 -5.72 -21.06 -23.20
C VAL A 227 -5.95 -21.02 -21.69
N ILE A 228 -7.11 -21.52 -21.28
CA ILE A 228 -7.59 -21.45 -19.91
C ILE A 228 -8.11 -22.80 -19.45
N SER A 229 -7.53 -23.32 -18.36
CA SER A 229 -8.03 -24.50 -17.65
C SER A 229 -8.70 -24.03 -16.35
N MET A 230 -9.83 -24.62 -15.97
CA MET A 230 -10.55 -24.16 -14.82
C MET A 230 -11.51 -25.20 -14.25
N GLN A 231 -11.79 -25.09 -12.98
CA GLN A 231 -12.79 -25.94 -12.32
C GLN A 231 -13.14 -25.40 -10.94
N LYS A 232 -14.30 -25.81 -10.45
CA LYS A 232 -14.69 -25.47 -9.10
C LYS A 232 -13.73 -26.16 -8.13
N GLY A 233 -13.51 -25.55 -6.97
CA GLY A 233 -12.65 -26.13 -5.96
C GLY A 233 -11.20 -25.70 -6.06
N GLY A 234 -10.33 -26.45 -5.37
CA GLY A 234 -8.93 -26.09 -5.24
C GLY A 234 -7.93 -27.06 -5.84
N GLY A 235 -8.36 -27.88 -6.79
CA GLY A 235 -7.49 -28.84 -7.44
C GLY A 235 -6.51 -28.21 -8.43
N LEU A 236 -5.54 -27.43 -7.93
CA LEU A 236 -4.54 -26.78 -8.79
C LEU A 236 -3.75 -27.80 -9.62
N THR A 237 -3.47 -28.96 -9.04
CA THR A 237 -2.69 -29.99 -9.73
C THR A 237 -3.30 -30.42 -11.08
N ALA A 238 -4.58 -30.79 -11.05
CA ALA A 238 -5.32 -31.22 -12.25
C ALA A 238 -5.47 -30.07 -13.26
N VAL A 239 -5.84 -28.89 -12.77
CA VAL A 239 -6.02 -27.72 -13.63
C VAL A 239 -4.74 -27.43 -14.40
N TYR A 240 -3.62 -27.44 -13.69
CA TYR A 240 -2.32 -27.10 -14.26
C TYR A 240 -1.84 -28.17 -15.22
N LYS A 241 -1.96 -29.43 -14.83
CA LYS A 241 -1.61 -30.54 -15.71
C LYS A 241 -2.43 -30.52 -16.98
N ARG A 242 -3.72 -30.26 -16.85
CA ARG A 242 -4.62 -30.22 -18.01
C ARG A 242 -4.18 -29.14 -18.98
N LEU A 243 -3.84 -27.98 -18.43
CA LEU A 243 -3.33 -26.88 -19.24
C LEU A 243 -2.01 -27.23 -19.91
N ALA A 244 -1.06 -27.76 -19.14
CA ALA A 244 0.28 -28.05 -19.63
C ALA A 244 0.22 -29.06 -20.77
N ASP A 245 -0.56 -30.12 -20.58
CA ASP A 245 -0.68 -31.17 -21.61
C ASP A 245 -1.13 -30.61 -22.95
N ALA A 246 -2.15 -29.75 -22.91
CA ALA A 246 -2.75 -29.21 -24.12
C ALA A 246 -1.79 -28.34 -24.91
N ILE A 247 -1.07 -27.46 -24.22
CA ILE A 247 -0.22 -26.51 -24.94
C ILE A 247 0.98 -27.25 -25.54
N GLN A 248 1.47 -28.27 -24.83
CA GLN A 248 2.51 -29.11 -25.38
C GLN A 248 2.03 -29.82 -26.64
N GLU A 249 0.80 -30.34 -26.62
CA GLU A 249 0.23 -30.96 -27.80
C GLU A 249 0.09 -29.94 -28.94
N LEU A 250 -0.45 -28.76 -28.64
CA LEU A 250 -0.66 -27.73 -29.66
C LEU A 250 0.65 -27.29 -30.30
N SER A 251 1.72 -27.24 -29.50
CA SER A 251 3.07 -26.91 -29.96
C SER A 251 3.54 -27.78 -31.11
N LYS A 252 3.03 -29.00 -31.20
CA LYS A 252 3.45 -29.87 -32.29
C LYS A 252 2.90 -29.36 -33.62
N SER A 253 1.83 -28.57 -33.56
CA SER A 253 1.14 -28.09 -34.77
C SER A 253 1.44 -26.64 -35.07
N LEU A 254 1.66 -25.86 -34.02
CA LEU A 254 1.80 -24.41 -34.18
C LEU A 254 3.18 -24.00 -33.72
N LYS A 255 3.80 -23.12 -34.50
CA LYS A 255 5.05 -22.49 -34.14
C LYS A 255 4.73 -21.25 -33.32
N PHE A 256 5.13 -21.25 -32.05
CA PHE A 256 4.89 -20.08 -31.20
C PHE A 256 6.13 -19.21 -31.09
N ALA A 257 5.91 -17.90 -31.06
CA ALA A 257 6.99 -16.92 -30.98
C ALA A 257 7.60 -16.86 -29.59
N PHE A 258 8.90 -17.11 -29.51
CA PHE A 258 9.63 -17.12 -28.23
C PHE A 258 11.04 -16.62 -28.46
N ASN A 259 11.57 -15.77 -27.59
CA ASN A 259 13.01 -15.54 -27.61
C ASN A 259 13.57 -15.51 -26.18
N ASP A 260 14.89 -15.70 -26.07
CA ASP A 260 15.50 -15.99 -24.80
C ASP A 260 15.62 -14.76 -23.89
N ARG A 261 15.14 -13.63 -24.37
CA ARG A 261 15.07 -12.42 -23.54
C ARG A 261 13.67 -12.23 -22.93
N LEU A 262 12.63 -12.29 -23.75
CA LEU A 262 11.27 -12.03 -23.28
C LEU A 262 10.44 -13.28 -23.09
N GLY A 263 10.99 -14.45 -23.42
CA GLY A 263 10.16 -15.64 -23.43
C GLY A 263 9.11 -15.61 -24.53
N PHE A 264 7.88 -16.05 -24.20
CA PHE A 264 6.78 -16.05 -25.17
C PHE A 264 6.26 -14.62 -25.40
N ILE A 265 6.27 -14.22 -26.65
CA ILE A 265 5.74 -12.90 -27.03
C ILE A 265 4.23 -12.84 -26.84
N THR A 266 3.75 -11.73 -26.32
CA THR A 266 2.32 -11.49 -26.20
C THR A 266 2.01 -10.08 -26.66
N PHE A 267 0.73 -9.80 -26.90
CA PHE A 267 0.28 -8.48 -27.35
C PHE A 267 0.54 -7.40 -26.29
N CYS A 268 0.27 -7.73 -25.04
CA CYS A 268 0.55 -6.80 -23.95
C CYS A 268 1.80 -7.23 -23.23
N PRO A 269 2.70 -6.27 -22.93
CA PRO A 269 3.97 -6.58 -22.26
C PRO A 269 3.82 -7.19 -20.87
N SER A 270 2.68 -7.02 -20.21
CA SER A 270 2.51 -7.54 -18.86
C SER A 270 2.51 -9.08 -18.80
N ASN A 271 2.16 -9.70 -19.92
CA ASN A 271 2.04 -11.17 -20.00
C ASN A 271 3.16 -11.88 -20.75
N LEU A 272 4.33 -11.25 -20.84
CA LEU A 272 5.51 -11.87 -21.46
C LEU A 272 6.10 -12.95 -20.57
N GLY A 273 7.05 -13.70 -21.13
CA GLY A 273 7.78 -14.71 -20.36
C GLY A 273 7.06 -16.04 -20.35
N THR A 274 6.47 -16.40 -19.20
CA THR A 274 5.66 -17.60 -19.12
C THR A 274 4.28 -17.40 -19.69
N THR A 275 3.81 -16.15 -19.68
CA THR A 275 2.43 -15.73 -19.92
C THR A 275 1.46 -16.34 -18.90
N LEU A 276 1.98 -17.04 -17.91
CA LEU A 276 1.13 -17.86 -17.06
C LEU A 276 0.50 -17.08 -15.91
N ARG A 277 -0.82 -17.17 -15.78
CA ARG A 277 -1.52 -16.64 -14.60
C ARG A 277 -2.31 -17.77 -13.97
N ALA A 278 -1.77 -18.27 -12.86
CA ALA A 278 -2.43 -19.28 -12.05
C ALA A 278 -3.16 -18.54 -10.96
N SER A 279 -4.41 -18.90 -10.70
CA SER A 279 -5.14 -18.17 -9.68
C SER A 279 -6.26 -18.97 -9.03
N VAL A 280 -6.72 -18.49 -7.87
CA VAL A 280 -7.94 -18.96 -7.24
C VAL A 280 -8.87 -17.78 -6.96
N HIS A 281 -10.17 -18.06 -6.96
CA HIS A 281 -11.15 -17.16 -6.34
C HIS A 281 -11.33 -17.63 -4.90
N ALA A 282 -10.93 -16.81 -3.94
CA ALA A 282 -10.96 -17.26 -2.55
C ALA A 282 -11.71 -16.28 -1.66
N LYS A 283 -12.38 -16.82 -0.64
CA LYS A 283 -13.03 -16.01 0.41
C LYS A 283 -12.05 -15.66 1.52
N ILE A 284 -11.51 -14.45 1.49
CA ILE A 284 -10.56 -13.99 2.50
C ILE A 284 -10.93 -12.60 3.07
N PRO A 285 -12.16 -12.45 3.58
CA PRO A 285 -12.61 -11.13 4.04
C PRO A 285 -11.75 -10.52 5.18
N MET A 286 -11.22 -11.35 6.08
CA MET A 286 -10.53 -10.79 7.21
C MET A 286 -9.13 -10.35 6.81
N LEU A 287 -8.47 -11.18 5.99
CA LEU A 287 -7.17 -10.83 5.45
C LEU A 287 -7.25 -9.59 4.56
N ALA A 288 -8.31 -9.52 3.75
CA ALA A 288 -8.52 -8.43 2.82
C ALA A 288 -8.68 -7.10 3.55
N SER A 289 -9.02 -7.17 4.83
CA SER A 289 -9.33 -5.98 5.61
C SER A 289 -8.09 -5.45 6.35
N LEU A 290 -6.99 -6.19 6.30
CA LEU A 290 -5.77 -5.73 6.95
C LEU A 290 -5.30 -4.48 6.20
N PRO A 291 -4.69 -3.54 6.92
CA PRO A 291 -4.28 -2.28 6.29
C PRO A 291 -3.25 -2.48 5.18
N ASN A 292 -2.34 -3.44 5.37
CA ASN A 292 -1.33 -3.74 4.38
C ASN A 292 -1.60 -5.06 3.62
N PHE A 293 -2.87 -5.39 3.42
CA PHE A 293 -3.30 -6.55 2.61
C PHE A 293 -2.50 -6.70 1.32
N LYS A 294 -2.49 -5.66 0.49
CA LYS A 294 -1.70 -5.69 -0.75
C LYS A 294 -0.23 -6.04 -0.53
N GLU A 295 0.40 -5.42 0.46
CA GLU A 295 1.82 -5.63 0.70
C GLU A 295 2.03 -7.06 1.17
N ILE A 296 1.11 -7.55 2.01
CA ILE A 296 1.18 -8.92 2.50
C ILE A 296 1.16 -9.92 1.34
N CYS A 297 0.23 -9.71 0.40
CA CYS A 297 0.19 -10.55 -0.81
C CYS A 297 1.48 -10.49 -1.62
N GLU A 298 1.90 -9.28 -2.00
CA GLU A 298 3.12 -9.10 -2.76
C GLU A 298 4.32 -9.77 -2.09
N LYS A 299 4.36 -9.76 -0.76
CA LYS A 299 5.48 -10.35 -0.06
C LYS A 299 5.44 -11.87 -0.14
N HIS A 300 4.26 -12.42 -0.39
CA HIS A 300 4.12 -13.86 -0.63
C HIS A 300 4.10 -14.22 -2.11
N GLY A 301 4.48 -13.27 -2.97
CA GLY A 301 4.58 -13.52 -4.40
C GLY A 301 3.23 -13.56 -5.08
N ILE A 302 2.24 -12.89 -4.48
CA ILE A 302 0.88 -12.96 -4.93
C ILE A 302 0.34 -11.57 -5.30
N GLN A 303 -0.43 -11.52 -6.38
CA GLN A 303 -1.15 -10.33 -6.81
C GLN A 303 -2.66 -10.52 -6.61
N PRO A 304 -3.31 -9.68 -5.79
CA PRO A 304 -4.75 -9.80 -5.59
C PRO A 304 -5.58 -8.90 -6.53
N ARG A 305 -6.74 -9.38 -6.94
CA ARG A 305 -7.67 -8.56 -7.70
C ARG A 305 -9.06 -8.73 -7.15
N GLY A 306 -9.75 -7.61 -6.97
CA GLY A 306 -11.10 -7.60 -6.45
C GLY A 306 -12.04 -8.31 -7.39
N THR A 307 -13.19 -8.73 -6.87
CA THR A 307 -14.20 -9.38 -7.70
C THR A 307 -15.55 -8.70 -7.46
N HIS A 308 -15.53 -7.38 -7.29
CA HIS A 308 -16.79 -6.67 -7.09
C HIS A 308 -17.55 -6.64 -8.40
N GLY A 309 -18.86 -6.82 -8.30
CA GLY A 309 -19.71 -6.99 -9.46
C GLY A 309 -19.98 -8.46 -9.71
N GLU A 310 -19.13 -9.32 -9.17
CA GLU A 310 -19.23 -10.75 -9.42
C GLU A 310 -20.01 -11.49 -8.33
N HIS A 311 -20.33 -10.78 -7.25
CA HIS A 311 -21.07 -11.41 -6.14
C HIS A 311 -22.18 -10.51 -5.57
N THR A 312 -22.95 -11.08 -4.63
CA THR A 312 -24.07 -10.37 -4.02
C THR A 312 -23.58 -9.25 -3.11
N GLU A 313 -24.50 -8.33 -2.78
CA GLU A 313 -24.20 -7.14 -1.96
C GLU A 313 -23.51 -7.49 -0.64
N SER A 314 -24.03 -8.49 0.07
CA SER A 314 -23.52 -8.86 1.39
C SER A 314 -22.44 -9.95 1.38
N VAL A 315 -21.95 -10.33 0.19
CA VAL A 315 -20.80 -11.22 0.14
C VAL A 315 -19.68 -10.61 -0.71
N GLY A 316 -18.78 -9.92 -0.02
CA GLY A 316 -17.51 -9.50 -0.60
C GLY A 316 -16.46 -10.41 0.02
N GLY A 317 -15.24 -9.92 0.16
CA GLY A 317 -14.20 -10.72 0.76
C GLY A 317 -13.77 -11.86 -0.16
N ILE A 318 -14.34 -11.90 -1.37
CA ILE A 318 -13.88 -12.86 -2.37
C ILE A 318 -12.90 -12.21 -3.34
N TYR A 319 -11.68 -12.75 -3.40
CA TYR A 319 -10.64 -12.17 -4.23
C TYR A 319 -10.03 -13.17 -5.18
N ASP A 320 -9.53 -12.66 -6.30
CA ASP A 320 -8.69 -13.42 -7.20
C ASP A 320 -7.24 -13.25 -6.73
N LEU A 321 -6.59 -14.37 -6.45
CA LEU A 321 -5.19 -14.38 -6.00
C LEU A 321 -4.38 -15.14 -7.02
N SER A 322 -3.37 -14.51 -7.61
CA SER A 322 -2.52 -15.18 -8.61
C SER A 322 -1.01 -14.94 -8.39
N ASN A 323 -0.16 -15.76 -9.01
CA ASN A 323 1.26 -15.47 -9.06
C ASN A 323 1.51 -14.06 -9.57
N LYS A 324 2.37 -13.31 -8.89
CA LYS A 324 2.65 -11.96 -9.38
C LYS A 324 3.66 -11.96 -10.52
N ARG A 325 4.40 -13.06 -10.68
CA ARG A 325 5.48 -13.06 -11.67
C ARG A 325 5.10 -13.73 -12.97
N ARG A 326 5.61 -13.20 -14.07
CA ARG A 326 5.43 -13.82 -15.39
C ARG A 326 6.76 -14.06 -16.09
N LEU A 327 7.68 -13.11 -15.90
CA LEU A 327 8.91 -13.08 -16.68
C LEU A 327 10.12 -13.39 -15.82
N GLY A 328 11.03 -14.22 -16.34
CA GLY A 328 12.27 -14.51 -15.64
C GLY A 328 12.24 -15.75 -14.77
N LEU A 329 11.23 -16.59 -14.94
CA LEU A 329 11.13 -17.88 -14.25
C LEU A 329 10.41 -18.86 -15.16
N THR A 330 10.46 -20.15 -14.82
CA THR A 330 9.72 -21.14 -15.59
C THR A 330 8.24 -21.20 -15.18
N GLU A 331 7.47 -21.93 -15.97
CA GLU A 331 6.06 -22.15 -15.68
C GLU A 331 5.92 -22.87 -14.32
N LEU A 332 6.79 -23.85 -14.10
CA LEU A 332 6.82 -24.57 -12.85
C LEU A 332 7.14 -23.62 -11.69
N ASP A 333 8.15 -22.76 -11.85
CA ASP A 333 8.44 -21.74 -10.85
C ASP A 333 7.21 -20.89 -10.56
N ALA A 334 6.50 -20.46 -11.61
CA ALA A 334 5.34 -19.58 -11.47
C ALA A 334 4.16 -20.24 -10.76
N VAL A 335 3.79 -21.47 -11.14
CA VAL A 335 2.67 -22.10 -10.48
C VAL A 335 3.06 -22.48 -9.02
N THR A 336 4.34 -22.77 -8.79
CA THR A 336 4.82 -23.02 -7.42
C THR A 336 4.72 -21.73 -6.59
N GLU A 337 5.19 -20.61 -7.14
CA GLU A 337 5.00 -19.32 -6.47
C GLU A 337 3.54 -19.10 -6.09
N MET A 338 2.64 -19.34 -7.04
CA MET A 338 1.21 -19.21 -6.78
C MET A 338 0.78 -20.11 -5.64
N HIS A 339 1.13 -21.39 -5.73
CA HIS A 339 0.61 -22.35 -4.76
C HIS A 339 1.12 -22.07 -3.36
N SER A 340 2.41 -21.79 -3.26
CA SER A 340 3.05 -21.50 -1.99
C SER A 340 2.47 -20.25 -1.35
N GLY A 341 2.42 -19.18 -2.12
CA GLY A 341 1.89 -17.92 -1.63
C GLY A 341 0.42 -18.00 -1.26
N VAL A 342 -0.41 -18.60 -2.13
CA VAL A 342 -1.82 -18.66 -1.86
C VAL A 342 -2.06 -19.51 -0.60
N ARG A 343 -1.32 -20.62 -0.51
CA ARG A 343 -1.43 -21.47 0.66
C ARG A 343 -1.14 -20.67 1.96
N ALA A 344 -0.03 -19.92 1.97
CA ALA A 344 0.29 -19.07 3.12
C ALA A 344 -0.83 -18.06 3.43
N LEU A 345 -1.40 -17.47 2.40
CA LEU A 345 -2.44 -16.45 2.61
C LEU A 345 -3.73 -17.06 3.15
N LEU A 346 -4.10 -18.22 2.64
CA LEU A 346 -5.31 -18.87 3.12
C LEU A 346 -5.09 -19.38 4.56
N GLU A 347 -3.89 -19.87 4.84
CA GLU A 347 -3.56 -20.28 6.22
C GLU A 347 -3.65 -19.06 7.16
N LEU A 348 -3.24 -17.89 6.66
CA LEU A 348 -3.32 -16.68 7.45
C LEU A 348 -4.78 -16.23 7.66
N GLU A 349 -5.64 -16.41 6.65
CA GLU A 349 -7.05 -16.08 6.83
C GLU A 349 -7.64 -16.97 7.94
N VAL A 350 -7.29 -18.24 7.91
CA VAL A 350 -7.77 -19.19 8.91
C VAL A 350 -7.32 -18.76 10.31
N MET A 351 -6.06 -18.36 10.42
CA MET A 351 -5.52 -17.92 11.70
C MET A 351 -6.24 -16.66 12.18
N LEU A 352 -6.47 -15.72 11.27
CA LEU A 352 -7.21 -14.51 11.62
C LEU A 352 -8.60 -14.84 12.12
N GLN A 353 -9.30 -15.71 11.39
CA GLN A 353 -10.67 -16.06 11.75
C GLN A 353 -10.69 -16.65 13.16
N GLU A 354 -9.71 -17.49 13.48
CA GLU A 354 -9.66 -18.11 14.81
C GLU A 354 -9.20 -17.14 15.93
N TYR A 355 -8.15 -16.38 15.69
CA TYR A 355 -7.58 -15.49 16.72
C TYR A 355 -8.53 -14.36 17.08
N ASN A 356 -9.47 -14.04 16.19
CA ASN A 356 -10.34 -12.87 16.41
C ASN A 356 -11.79 -13.24 16.67
N LYS A 357 -12.02 -14.53 16.94
CA LYS A 357 -13.34 -15.01 17.32
C LYS A 357 -13.76 -14.23 18.57
N GLY A 358 -14.93 -13.62 18.55
CA GLY A 358 -15.41 -12.98 19.75
C GLY A 358 -15.05 -11.52 19.91
N ALA A 359 -14.20 -11.02 19.02
CA ALA A 359 -13.70 -9.65 19.16
C ALA A 359 -14.75 -8.62 18.72
N PRO A 360 -14.69 -7.40 19.27
CA PRO A 360 -15.72 -6.40 18.94
C PRO A 360 -15.78 -6.08 17.44
N GLU A 361 -17.00 -5.89 16.94
CA GLU A 361 -17.21 -5.56 15.52
C GLU A 361 -16.66 -4.17 15.21
N GLY A 362 -16.01 -4.02 14.06
CA GLY A 362 -15.38 -2.75 13.71
C GLY A 362 -14.00 -2.58 14.32
N VAL A 363 -13.66 -3.36 15.33
CA VAL A 363 -12.32 -3.26 15.88
C VAL A 363 -11.37 -4.02 14.96
N MET A 364 -10.18 -3.46 14.73
CA MET A 364 -9.21 -4.06 13.82
C MET A 364 -8.88 -5.51 14.18
N PRO A 365 -8.98 -6.43 13.21
CA PRO A 365 -8.54 -7.80 13.49
C PRO A 365 -7.00 -7.88 13.45
N VAL A 366 -6.40 -8.85 14.13
CA VAL A 366 -4.97 -8.93 14.18
C VAL A 366 -4.50 -10.37 14.05
N GLU A 367 -3.35 -10.57 13.42
CA GLU A 367 -2.73 -11.89 13.32
C GLU A 367 -2.39 -12.42 14.73
N PRO A 368 -2.32 -13.76 14.87
CA PRO A 368 -1.87 -14.32 16.14
C PRO A 368 -0.54 -13.70 16.62
N LEU A 369 -0.46 -13.46 17.93
CA LEU A 369 0.75 -12.91 18.55
C LEU A 369 2.02 -13.68 18.13
N THR A 370 1.97 -15.00 18.14
CA THR A 370 3.18 -15.76 17.81
C THR A 370 3.58 -15.63 16.35
N TYR A 371 2.61 -15.36 15.47
CA TYR A 371 2.90 -15.10 14.06
C TYR A 371 3.63 -13.77 13.91
N LEU A 372 3.11 -12.74 14.56
CA LEU A 372 3.73 -11.43 14.52
C LEU A 372 5.09 -11.42 15.19
N ALA A 373 5.25 -12.23 16.24
CA ALA A 373 6.53 -12.31 16.93
C ALA A 373 7.62 -12.87 15.99
N LYS A 374 7.22 -13.75 15.07
CA LYS A 374 8.18 -14.28 14.09
C LYS A 374 8.58 -13.18 13.11
N LEU A 375 7.62 -12.40 12.62
CA LEU A 375 7.99 -11.30 11.71
C LEU A 375 8.92 -10.29 12.42
N LEU A 376 8.69 -10.09 13.71
CA LEU A 376 9.46 -9.12 14.50
C LEU A 376 10.91 -9.55 14.70
N GLU A 377 11.22 -10.82 14.45
CA GLU A 377 12.59 -11.31 14.59
C GLU A 377 13.58 -10.57 13.70
N GLY A 378 13.08 -9.91 12.66
CA GLY A 378 13.92 -9.12 11.78
C GLY A 378 14.33 -7.78 12.38
N ALA A 379 13.75 -7.45 13.54
CA ALA A 379 14.12 -6.21 14.21
C ALA A 379 15.34 -6.45 15.10
N SER A 380 16.16 -5.42 15.26
CA SER A 380 17.30 -5.56 16.15
C SER A 380 16.83 -5.66 17.59
N ILE A 381 17.17 -6.76 18.26
CA ILE A 381 16.81 -6.92 19.66
C ILE A 381 17.61 -5.95 20.53
N GLU A 382 18.49 -5.19 19.90
CA GLU A 382 19.34 -4.24 20.62
C GLU A 382 18.80 -2.82 20.56
N LYS A 383 18.12 -2.46 19.48
CA LYS A 383 17.60 -1.10 19.34
C LYS A 383 16.07 -1.04 19.37
N CYS A 384 15.42 -2.17 19.13
CA CYS A 384 13.97 -2.20 19.01
C CYS A 384 13.32 -2.61 20.32
N TYR A 385 12.77 -1.63 21.04
CA TYR A 385 12.13 -1.87 22.34
C TYR A 385 11.02 -2.90 22.25
N THR A 386 10.26 -2.82 21.16
CA THR A 386 9.09 -3.66 20.94
C THR A 386 9.46 -5.14 21.00
N ARG A 387 10.60 -5.48 20.40
CA ARG A 387 11.12 -6.85 20.41
C ARG A 387 11.84 -7.22 21.71
N LYS A 388 12.64 -6.29 22.22
CA LYS A 388 13.48 -6.57 23.38
C LYS A 388 12.68 -7.08 24.59
N TYR A 389 11.46 -6.55 24.78
CA TYR A 389 10.68 -6.94 25.95
C TYR A 389 9.61 -7.95 25.63
N LEU A 390 9.58 -8.40 24.38
CA LEU A 390 8.65 -9.46 23.99
C LEU A 390 9.32 -10.82 24.25
N THR A 391 9.41 -11.19 25.53
CA THR A 391 10.10 -12.43 25.92
C THR A 391 9.17 -13.65 25.76
N PRO A 392 9.75 -14.86 25.77
CA PRO A 392 8.93 -16.08 25.77
C PRO A 392 7.88 -16.09 26.88
N GLU A 393 8.28 -15.65 28.07
CA GLU A 393 7.38 -15.67 29.23
C GLU A 393 6.26 -14.61 29.08
N ILE A 394 6.57 -13.51 28.41
CA ILE A 394 5.60 -12.47 28.13
C ILE A 394 4.62 -12.97 27.07
N ILE A 395 5.13 -13.59 26.01
CA ILE A 395 4.27 -14.19 25.00
C ILE A 395 3.32 -15.22 25.63
N LYS A 396 3.86 -16.09 26.47
CA LYS A 396 3.08 -17.13 27.12
C LYS A 396 2.00 -16.55 28.02
N LYS A 397 2.36 -15.52 28.77
CA LYS A 397 1.42 -14.88 29.69
C LYS A 397 0.26 -14.19 28.97
N TYR A 398 0.57 -13.48 27.88
CA TYR A 398 -0.38 -12.53 27.28
C TYR A 398 -1.04 -12.98 25.98
N ASP A 399 -0.55 -14.07 25.39
CA ASP A 399 -1.19 -14.62 24.19
C ASP A 399 -2.68 -14.91 24.46
N GLY A 400 -3.57 -14.36 23.67
CA GLY A 400 -4.98 -14.63 23.90
C GLY A 400 -5.62 -13.80 25.00
N LYS A 401 -4.88 -12.84 25.53
CA LYS A 401 -5.48 -11.89 26.48
C LYS A 401 -5.97 -10.65 25.73
N ARG A 402 -7.11 -10.12 26.15
CA ARG A 402 -7.63 -8.87 25.59
C ARG A 402 -7.95 -7.90 26.71
N THR A 403 -7.86 -6.60 26.42
CA THR A 403 -8.42 -5.60 27.34
C THR A 403 -9.94 -5.70 27.29
N THR A 404 -10.59 -4.95 28.18
CA THR A 404 -12.02 -5.02 28.33
C THR A 404 -12.69 -4.69 27.01
N HIS A 405 -12.03 -3.84 26.22
CA HIS A 405 -12.63 -3.37 24.98
C HIS A 405 -11.95 -3.91 23.72
N GLY A 406 -11.06 -4.89 23.90
CA GLY A 406 -10.63 -5.68 22.77
C GLY A 406 -9.21 -5.54 22.25
N ALA A 407 -8.38 -4.79 22.97
CA ALA A 407 -7.01 -4.60 22.55
C ALA A 407 -6.13 -5.80 22.95
N THR A 408 -5.19 -6.13 22.08
CA THR A 408 -4.28 -7.25 22.31
C THR A 408 -2.83 -6.82 22.21
N LEU A 409 -1.94 -7.67 22.73
CA LEU A 409 -0.50 -7.45 22.64
C LEU A 409 -0.08 -7.55 21.18
N ALA A 410 -0.76 -8.43 20.46
CA ALA A 410 -0.50 -8.60 19.04
C ALA A 410 -0.78 -7.31 18.30
N HIS A 411 -1.90 -6.66 18.65
CA HIS A 411 -2.22 -5.36 18.07
C HIS A 411 -1.06 -4.38 18.19
N MET A 412 -0.43 -4.36 19.35
CA MET A 412 0.49 -3.26 19.64
C MET A 412 1.91 -3.52 19.10
N ILE A 413 2.27 -4.76 18.83
CA ILE A 413 3.57 -5.00 18.20
C ILE A 413 3.50 -5.07 16.67
N ARG A 414 2.29 -5.03 16.11
CA ARG A 414 2.09 -5.20 14.67
C ARG A 414 2.91 -4.20 13.83
N ASN A 415 2.92 -2.93 14.24
CA ASN A 415 3.67 -1.95 13.45
C ASN A 415 5.15 -2.34 13.37
N GLY A 416 5.70 -2.87 14.46
CA GLY A 416 7.08 -3.32 14.48
C GLY A 416 7.30 -4.60 13.71
N ALA A 417 6.37 -5.54 13.86
CA ALA A 417 6.44 -6.78 13.11
C ALA A 417 6.58 -6.55 11.60
N TYR A 418 5.82 -5.60 11.07
CA TYR A 418 5.85 -5.32 9.63
C TYR A 418 6.78 -4.18 9.22
N ASN A 419 7.27 -3.43 10.19
CA ASN A 419 8.27 -2.38 9.95
C ASN A 419 9.39 -2.49 10.98
N ASN A 420 10.38 -3.32 10.67
CA ASN A 420 11.39 -3.72 11.65
C ASN A 420 12.31 -2.59 12.10
N ARG A 421 12.27 -1.44 11.44
CA ARG A 421 13.08 -0.30 11.90
C ARG A 421 12.30 0.55 12.90
N SER A 422 11.00 0.28 13.02
CA SER A 422 10.21 0.92 14.08
C SER A 422 10.59 0.33 15.43
N ILE A 423 10.84 1.19 16.41
CA ILE A 423 11.40 0.75 17.69
C ILE A 423 10.39 0.74 18.86
N CYS A 424 9.24 1.38 18.72
CA CYS A 424 8.24 1.36 19.80
C CYS A 424 6.88 0.80 19.34
N PRO A 425 6.13 0.19 20.25
CA PRO A 425 4.81 -0.32 19.88
C PRO A 425 3.77 0.80 19.85
N ARG A 426 2.57 0.47 19.39
CA ARG A 426 1.43 1.38 19.39
C ARG A 426 0.24 0.72 20.08
N THR A 427 -0.18 1.25 21.23
CA THR A 427 -1.20 0.61 22.05
C THR A 427 -2.63 0.81 21.49
N GLY A 428 -3.59 0.02 21.99
CA GLY A 428 -4.95 0.03 21.46
C GLY A 428 -5.94 0.85 22.29
N GLU A 429 -5.62 1.07 23.55
CA GLU A 429 -6.45 1.89 24.45
C GLU A 429 -5.69 2.08 25.77
N ALA A 430 -6.15 3.02 26.60
CA ALA A 430 -5.47 3.34 27.83
C ALA A 430 -5.28 2.12 28.71
N GLU A 431 -6.25 1.21 28.69
CA GLU A 431 -6.23 0.04 29.57
C GLU A 431 -5.04 -0.88 29.27
N CYS A 432 -4.50 -0.74 28.07
CA CYS A 432 -3.32 -1.50 27.68
C CYS A 432 -2.19 -1.33 28.70
N TYR A 433 -2.09 -0.14 29.29
CA TYR A 433 -0.99 0.14 30.22
C TYR A 433 -1.17 -0.48 31.60
N SER A 434 -2.29 -1.12 31.86
CA SER A 434 -2.38 -1.93 33.06
C SER A 434 -2.51 -3.40 32.68
N THR A 435 -3.37 -3.71 31.70
CA THR A 435 -3.57 -5.11 31.27
C THR A 435 -2.26 -5.78 30.82
N PHE A 436 -1.42 -5.01 30.14
CA PHE A 436 -0.13 -5.54 29.67
C PHE A 436 1.08 -4.88 30.33
N ILE A 437 0.93 -4.55 31.62
CA ILE A 437 1.96 -3.83 32.36
C ILE A 437 3.32 -4.55 32.34
N ASP A 438 3.29 -5.89 32.32
CA ASP A 438 4.53 -6.69 32.35
C ASP A 438 5.33 -6.49 31.08
N TYR A 439 4.66 -6.14 30.00
CA TYR A 439 5.37 -5.83 28.77
C TYR A 439 5.71 -4.34 28.71
N LEU A 440 4.71 -3.49 28.97
CA LEU A 440 4.88 -2.07 28.71
C LEU A 440 5.73 -1.35 29.77
N ASP A 441 5.68 -1.78 31.03
CA ASP A 441 6.34 -1.02 32.08
C ASP A 441 7.87 -1.08 32.00
N PRO A 442 8.45 -2.28 31.81
CA PRO A 442 9.91 -2.25 31.65
C PRO A 442 10.34 -1.50 30.37
N LEU A 443 9.57 -1.64 29.30
CA LEU A 443 9.81 -0.95 28.04
C LEU A 443 9.82 0.57 28.21
N ILE A 444 8.86 1.07 28.97
CA ILE A 444 8.71 2.50 29.25
C ILE A 444 9.89 3.00 30.07
N CYS A 445 10.20 2.25 31.13
CA CYS A 445 11.35 2.53 31.98
C CYS A 445 12.65 2.61 31.18
N ASP A 446 12.84 1.66 30.29
CA ASP A 446 14.00 1.63 29.39
C ASP A 446 14.04 2.84 28.46
N TYR A 447 12.95 3.05 27.70
CA TYR A 447 12.90 4.16 26.75
C TYR A 447 13.14 5.52 27.40
N HIS A 448 12.44 5.80 28.49
CA HIS A 448 12.52 7.10 29.15
C HIS A 448 13.62 7.22 30.21
N GLY A 449 14.41 6.17 30.39
CA GLY A 449 15.47 6.16 31.39
C GLY A 449 15.00 6.41 32.82
N VAL A 450 13.94 5.71 33.22
CA VAL A 450 13.36 5.87 34.55
C VAL A 450 13.18 4.53 35.24
N LYS A 451 12.45 4.55 36.34
CA LYS A 451 12.19 3.34 37.11
C LYS A 451 10.91 3.45 37.91
N ASP A 452 10.39 2.30 38.33
CA ASP A 452 9.20 2.23 39.16
C ASP A 452 9.31 3.03 40.45
N SER A 453 8.36 3.94 40.64
CA SER A 453 8.31 4.76 41.84
C SER A 453 7.00 4.54 42.62
N ALA A 454 7.07 4.75 43.93
CA ALA A 454 5.93 4.62 44.82
C ALA A 454 4.92 5.74 44.62
N PHE A 455 5.39 6.86 44.04
CA PHE A 455 4.59 8.09 43.98
C PHE A 455 3.77 8.23 42.70
N LYS A 456 2.58 8.82 42.83
CA LYS A 456 1.78 9.19 41.67
C LYS A 456 2.58 10.17 40.82
N HIS A 457 2.48 10.01 39.49
CA HIS A 457 3.05 10.97 38.53
C HIS A 457 2.65 12.36 38.97
N PRO A 458 3.57 13.33 38.81
CA PRO A 458 3.23 14.71 39.14
C PRO A 458 1.92 15.12 38.45
N ALA A 459 1.07 15.90 39.12
CA ALA A 459 -0.10 16.47 38.46
C ALA A 459 0.39 17.36 37.33
N PRO A 460 -0.49 17.65 36.35
CA PRO A 460 -0.12 18.64 35.33
C PRO A 460 0.42 19.91 36.00
N THR A 461 1.69 20.23 35.72
CA THR A 461 2.33 21.40 36.31
C THR A 461 2.77 22.32 35.19
N PHE A 462 1.84 23.18 34.75
CA PHE A 462 2.06 24.07 33.61
C PHE A 462 2.82 25.34 34.03
N GLY A 463 2.65 25.73 35.29
CA GLY A 463 3.33 26.90 35.83
C GLY A 463 2.45 28.13 35.81
N ASP A 464 2.97 29.23 36.35
CA ASP A 464 2.29 30.52 36.31
C ASP A 464 2.49 31.16 34.95
N LEU A 465 1.43 31.21 34.15
CA LEU A 465 1.56 31.60 32.75
C LEU A 465 1.89 33.10 32.59
N SER A 466 1.87 33.83 33.70
CA SER A 466 2.26 35.25 33.65
C SER A 466 3.67 35.47 34.16
N LYS A 467 4.24 34.46 34.81
CA LYS A 467 5.60 34.57 35.31
C LYS A 467 6.38 33.31 34.96
N LEU A 468 6.58 33.09 33.67
CA LEU A 468 7.29 31.93 33.17
C LEU A 468 8.80 32.10 33.25
N PRO A 469 9.55 30.98 33.37
CA PRO A 469 11.01 31.12 33.46
C PRO A 469 11.69 31.12 32.10
N PHE A 470 10.99 31.63 31.09
CA PHE A 470 11.57 31.80 29.76
C PHE A 470 10.76 32.87 29.04
N GLY A 471 11.35 33.49 28.03
CA GLY A 471 10.67 34.55 27.33
C GLY A 471 10.91 34.43 25.84
N ASP A 472 11.62 35.40 25.28
CA ASP A 472 11.99 35.39 23.88
C ASP A 472 13.45 34.97 23.75
N LEU A 473 13.67 33.78 23.23
CA LEU A 473 15.00 33.22 23.13
C LEU A 473 15.87 33.86 22.05
N ASP A 474 15.28 34.78 21.28
CA ASP A 474 15.98 35.46 20.20
C ASP A 474 15.21 36.71 19.74
N PRO A 475 15.22 37.78 20.57
CA PRO A 475 14.49 39.01 20.25
C PRO A 475 15.00 39.64 18.97
N THR A 476 16.32 39.54 18.77
CA THR A 476 17.03 40.18 17.66
C THR A 476 16.61 39.65 16.29
N GLY A 477 17.59 39.59 15.39
CA GLY A 477 17.35 39.11 14.05
C GLY A 477 17.01 37.63 14.07
N LYS A 478 17.98 36.81 13.72
CA LYS A 478 17.68 35.41 13.56
C LYS A 478 18.78 34.46 14.03
N PHE A 479 18.44 33.72 15.07
CA PHE A 479 18.97 32.39 15.27
C PHE A 479 17.76 31.48 15.11
N ILE A 480 16.61 32.00 15.49
CA ILE A 480 15.37 31.21 15.53
C ILE A 480 14.35 31.64 14.49
N VAL A 481 14.11 30.75 13.52
CA VAL A 481 13.11 30.99 12.49
C VAL A 481 11.68 30.90 13.05
N SER A 482 11.44 29.93 13.91
CA SER A 482 10.10 29.75 14.48
C SER A 482 10.11 28.85 15.70
N THR A 483 9.06 28.99 16.50
CA THR A 483 8.93 28.25 17.76
C THR A 483 7.58 27.51 17.77
N ARG A 484 7.56 26.36 18.45
CA ARG A 484 6.43 25.46 18.43
C ARG A 484 6.45 24.67 19.75
N VAL A 485 5.29 24.50 20.36
CA VAL A 485 5.14 23.51 21.42
C VAL A 485 3.88 22.72 21.14
N ARG A 486 3.95 21.40 21.27
CA ARG A 486 2.75 20.60 21.12
C ARG A 486 2.61 19.59 22.25
N VAL A 487 1.39 19.06 22.40
CA VAL A 487 1.18 17.90 23.26
C VAL A 487 0.27 16.88 22.59
N GLY A 488 0.40 15.62 22.99
CA GLY A 488 -0.59 14.61 22.64
C GLY A 488 -1.65 14.49 23.74
N ARG A 489 -2.89 14.15 23.38
CA ARG A 489 -3.93 13.83 24.36
C ARG A 489 -4.83 12.71 23.85
N SER A 490 -5.25 11.85 24.79
CA SER A 490 -6.23 10.83 24.58
C SER A 490 -7.48 11.21 25.34
N VAL A 491 -8.63 10.84 24.81
CA VAL A 491 -9.91 11.12 25.43
C VAL A 491 -10.38 9.87 26.15
N GLU A 492 -10.71 10.01 27.42
CA GLU A 492 -11.23 8.88 28.20
C GLU A 492 -12.44 8.22 27.55
N GLY A 493 -12.48 6.90 27.59
CA GLY A 493 -13.62 6.17 27.07
C GLY A 493 -13.51 5.67 25.64
N PHE A 494 -12.50 6.13 24.90
CA PHE A 494 -12.33 5.72 23.50
C PHE A 494 -11.12 4.83 23.25
N LEU A 495 -11.33 3.81 22.43
CA LEU A 495 -10.23 3.08 21.85
C LEU A 495 -9.35 4.07 21.06
N PHE A 496 -8.07 3.77 20.96
CA PHE A 496 -7.12 4.66 20.25
C PHE A 496 -7.25 4.57 18.73
N PRO A 497 -6.66 5.54 17.98
CA PRO A 497 -6.90 5.55 16.52
C PRO A 497 -6.34 4.32 15.80
N THR A 498 -5.62 3.48 16.51
CA THR A 498 -5.06 2.26 15.93
C THR A 498 -6.18 1.26 15.60
N ILE A 499 -7.01 0.95 16.60
CA ILE A 499 -7.92 -0.18 16.49
C ILE A 499 -9.39 0.23 16.57
N MET A 500 -9.65 1.49 16.90
CA MET A 500 -11.01 1.95 17.17
C MET A 500 -11.89 1.75 15.93
N SER A 501 -13.19 1.62 16.17
CA SER A 501 -14.11 1.34 15.08
C SER A 501 -14.45 2.63 14.35
N LYS A 502 -15.14 2.49 13.22
CA LYS A 502 -15.58 3.66 12.44
C LYS A 502 -16.58 4.49 13.21
N THR A 503 -17.53 3.83 13.87
CA THR A 503 -18.50 4.52 14.72
C THR A 503 -17.81 5.23 15.89
N ASP A 504 -16.78 4.58 16.46
CA ASP A 504 -15.93 5.20 17.48
C ASP A 504 -15.35 6.51 16.98
N ARG A 505 -14.79 6.50 15.77
CA ARG A 505 -14.16 7.68 15.19
C ARG A 505 -15.16 8.81 14.99
N ILE A 506 -16.34 8.46 14.50
CA ILE A 506 -17.41 9.43 14.27
C ILE A 506 -17.84 10.07 15.58
N LYS A 507 -17.99 9.26 16.61
CA LYS A 507 -18.39 9.82 17.90
C LYS A 507 -17.25 10.66 18.48
N LEU A 508 -16.01 10.18 18.35
CA LEU A 508 -14.83 10.92 18.85
C LEU A 508 -14.79 12.30 18.21
N GLU A 509 -15.07 12.33 16.92
CA GLU A 509 -14.94 13.57 16.15
C GLU A 509 -16.03 14.56 16.58
N GLN A 510 -17.21 14.04 16.90
CA GLN A 510 -18.31 14.88 17.40
C GLN A 510 -17.96 15.52 18.74
N VAL A 511 -17.38 14.73 19.65
CA VAL A 511 -16.92 15.24 20.94
C VAL A 511 -15.88 16.36 20.75
N ILE A 512 -14.83 16.05 20.00
CA ILE A 512 -13.68 16.95 19.86
C ILE A 512 -14.04 18.19 19.02
N SER A 513 -14.71 18.01 17.88
CA SER A 513 -15.00 19.16 17.00
C SER A 513 -15.98 20.12 17.68
N GLY A 514 -16.94 19.56 18.41
CA GLY A 514 -17.82 20.35 19.24
C GLY A 514 -17.07 21.29 20.17
N ALA A 515 -16.05 20.79 20.86
CA ALA A 515 -15.21 21.64 21.71
C ALA A 515 -14.43 22.66 20.88
N LEU A 516 -13.84 22.21 19.78
CA LEU A 516 -13.00 23.11 18.97
C LEU A 516 -13.80 24.25 18.35
N LYS A 517 -15.03 23.97 17.90
CA LYS A 517 -15.85 25.01 17.30
C LYS A 517 -16.30 26.04 18.34
N GLY A 518 -16.23 25.68 19.62
CA GLY A 518 -16.59 26.61 20.67
C GLY A 518 -15.45 27.46 21.20
N LEU A 519 -14.22 27.22 20.73
CA LEU A 519 -13.04 27.96 21.24
C LEU A 519 -13.14 29.42 20.87
N THR A 520 -12.69 30.29 21.76
CA THR A 520 -12.84 31.72 21.57
C THR A 520 -11.51 32.46 21.59
N GLY A 521 -11.56 33.76 21.27
CA GLY A 521 -10.40 34.63 21.30
C GLY A 521 -9.33 34.17 20.34
N GLU A 522 -8.10 34.20 20.81
CA GLU A 522 -6.94 33.73 20.05
C GLU A 522 -7.11 32.29 19.52
N HIS A 523 -7.91 31.51 20.23
CA HIS A 523 -8.06 30.10 19.90
C HIS A 523 -9.24 29.86 18.95
N ALA A 524 -10.07 30.87 18.74
CA ALA A 524 -11.17 30.75 17.79
C ALA A 524 -10.62 30.33 16.43
N GLY A 525 -11.33 29.43 15.76
CA GLY A 525 -10.86 28.91 14.49
C GLY A 525 -11.90 28.12 13.72
N THR A 526 -11.44 27.32 12.76
CA THR A 526 -12.32 26.55 11.88
C THR A 526 -11.89 25.09 11.87
N TYR A 527 -12.85 24.18 12.05
CA TYR A 527 -12.54 22.75 11.90
C TYR A 527 -12.73 22.28 10.44
N TYR A 528 -11.71 21.63 9.90
CA TYR A 528 -11.79 21.10 8.53
C TYR A 528 -11.79 19.59 8.53
N PRO A 529 -12.99 18.98 8.48
CA PRO A 529 -13.06 17.52 8.43
C PRO A 529 -12.47 16.98 7.15
N LEU A 530 -11.62 15.98 7.27
CA LEU A 530 -11.05 15.33 6.10
C LEU A 530 -12.14 14.73 5.18
N THR A 531 -13.33 14.45 5.74
CA THR A 531 -14.44 13.85 5.00
C THR A 531 -15.26 14.86 4.21
N ASP A 532 -15.42 16.07 4.75
CA ASP A 532 -16.39 17.03 4.21
C ASP A 532 -15.77 18.39 3.99
N MET A 533 -14.62 18.42 3.34
CA MET A 533 -13.87 19.65 3.25
C MET A 533 -14.10 20.33 1.92
N LYS A 534 -14.17 21.66 1.96
CA LYS A 534 -14.22 22.46 0.76
C LYS A 534 -12.85 22.37 0.07
N GLU A 535 -12.83 22.18 -1.24
CA GLU A 535 -11.59 21.96 -1.98
C GLU A 535 -10.58 23.08 -1.85
N GLU A 536 -11.04 24.31 -1.69
CA GLU A 536 -10.12 25.43 -1.65
C GLU A 536 -9.43 25.38 -0.30
N ASP A 537 -10.21 24.97 0.69
CA ASP A 537 -9.68 24.73 2.02
C ASP A 537 -8.66 23.61 1.92
N ARG A 538 -9.00 22.56 1.18
CA ARG A 538 -8.09 21.44 0.98
C ARG A 538 -6.76 21.89 0.36
N LYS A 539 -6.83 22.64 -0.75
CA LYS A 539 -5.62 23.15 -1.41
C LYS A 539 -4.74 23.96 -0.47
N GLN A 540 -5.39 24.88 0.25
CA GLN A 540 -4.69 25.78 1.13
C GLN A 540 -4.00 25.05 2.29
N LEU A 541 -4.62 23.96 2.76
CA LEU A 541 -4.02 23.17 3.81
C LEU A 541 -2.73 22.53 3.29
N VAL A 542 -2.78 22.04 2.06
CA VAL A 542 -1.60 21.44 1.43
C VAL A 542 -0.52 22.50 1.20
N GLU A 543 -0.94 23.65 0.67
CA GLU A 543 -0.03 24.80 0.52
C GLU A 543 0.74 25.13 1.79
N ASP A 544 0.04 25.13 2.92
CA ASP A 544 0.65 25.49 4.20
C ASP A 544 1.44 24.34 4.80
N HIS A 545 1.56 23.24 4.06
CA HIS A 545 2.17 22.01 4.59
C HIS A 545 1.48 21.57 5.87
N PHE A 546 0.17 21.80 5.92
CA PHE A 546 -0.66 21.23 6.99
C PHE A 546 -1.25 19.95 6.41
N LEU A 547 -0.47 18.88 6.45
CA LEU A 547 -0.84 17.65 5.77
C LEU A 547 -1.44 16.65 6.73
N PHE A 548 -2.32 15.81 6.20
CA PHE A 548 -2.84 14.71 6.98
C PHE A 548 -3.17 13.64 5.95
N LYS A 549 -2.14 12.87 5.60
CA LYS A 549 -2.25 11.84 4.58
C LYS A 549 -2.13 10.45 5.19
N ASN A 550 -2.65 9.45 4.49
CA ASN A 550 -2.49 8.07 4.93
C ASN A 550 -1.27 7.46 4.26
N ASP A 551 -0.09 8.00 4.54
CA ASP A 551 1.12 7.58 3.82
C ASP A 551 2.29 7.10 4.69
N ASP A 552 2.10 6.99 6.01
CA ASP A 552 3.14 6.44 6.88
C ASP A 552 2.91 4.96 7.14
N PRO A 553 3.85 4.09 6.70
CA PRO A 553 3.62 2.64 6.80
C PRO A 553 3.52 2.15 8.23
N VAL A 554 4.25 2.80 9.14
CA VAL A 554 4.22 2.43 10.54
C VAL A 554 2.84 2.67 11.10
N LEU A 555 2.32 3.88 10.95
CA LEU A 555 0.97 4.18 11.40
C LEU A 555 -0.05 3.28 10.70
N ARG A 556 0.12 3.10 9.39
CA ARG A 556 -0.78 2.26 8.60
C ARG A 556 -0.90 0.86 9.20
N ASP A 557 0.23 0.23 9.49
CA ASP A 557 0.21 -1.16 9.93
C ASP A 557 -0.23 -1.31 11.40
N ALA A 558 -0.19 -0.21 12.15
CA ALA A 558 -0.84 -0.16 13.46
C ALA A 558 -2.35 0.00 13.33
N GLY A 559 -2.82 0.37 12.14
CA GLY A 559 -4.24 0.46 11.88
C GLY A 559 -4.77 1.88 11.85
N GLY A 560 -3.87 2.85 11.88
CA GLY A 560 -4.23 4.25 12.05
C GLY A 560 -4.88 4.93 10.85
N TYR A 561 -4.96 4.23 9.71
CA TYR A 561 -5.59 4.76 8.52
C TYR A 561 -6.82 3.95 8.13
N ARG A 562 -7.27 3.09 9.03
CA ARG A 562 -8.46 2.32 8.72
C ARG A 562 -9.71 3.21 8.61
N ASP A 563 -10.67 2.79 7.79
CA ASP A 563 -11.92 3.52 7.53
C ASP A 563 -11.69 4.99 7.15
N TRP A 564 -10.71 5.15 6.26
CA TRP A 564 -10.25 6.46 5.82
C TRP A 564 -11.30 7.20 4.99
N PRO A 565 -11.44 8.51 5.22
CA PRO A 565 -10.76 9.33 6.22
C PRO A 565 -11.71 9.73 7.36
N VAL A 566 -12.61 8.83 7.74
CA VAL A 566 -13.70 9.16 8.65
C VAL A 566 -13.19 9.59 10.02
N GLY A 567 -13.77 10.67 10.56
CA GLY A 567 -13.43 11.17 11.88
C GLY A 567 -12.09 11.88 12.00
N ARG A 568 -11.39 12.08 10.88
CA ARG A 568 -10.13 12.82 10.86
C ARG A 568 -10.32 14.26 10.40
N GLY A 569 -9.47 15.17 10.90
CA GLY A 569 -9.55 16.55 10.47
C GLY A 569 -8.49 17.43 11.08
N ILE A 570 -8.42 18.67 10.60
CA ILE A 570 -7.48 19.66 11.08
C ILE A 570 -8.25 20.90 11.49
N PHE A 571 -7.93 21.41 12.68
CA PHE A 571 -8.47 22.68 13.19
C PHE A 571 -7.32 23.68 13.29
N HIS A 572 -7.57 24.94 12.94
CA HIS A 572 -6.65 25.98 13.37
C HIS A 572 -7.33 27.33 13.45
N ASN A 573 -6.69 28.26 14.16
CA ASN A 573 -7.20 29.61 14.23
C ASN A 573 -6.81 30.36 12.95
N ASN A 574 -7.30 31.57 12.80
CA ASN A 574 -7.05 32.28 11.55
C ASN A 574 -5.59 32.54 11.27
N SER A 575 -4.85 32.91 12.33
CA SER A 575 -3.42 33.19 12.26
C SER A 575 -2.55 31.95 12.05
N LYS A 576 -3.16 30.78 12.17
CA LYS A 576 -2.45 29.49 12.06
C LYS A 576 -1.34 29.35 13.11
N THR A 577 -1.61 29.85 14.31
CA THR A 577 -0.68 29.80 15.42
C THR A 577 -1.17 28.86 16.51
N PHE A 578 -2.38 28.35 16.32
CA PHE A 578 -2.92 27.33 17.20
C PHE A 578 -3.66 26.32 16.32
N LEU A 579 -3.26 25.06 16.39
CA LEU A 579 -3.80 24.04 15.49
C LEU A 579 -4.03 22.76 16.26
N VAL A 580 -5.00 21.95 15.81
CA VAL A 580 -5.25 20.64 16.42
C VAL A 580 -5.44 19.61 15.30
N TRP A 581 -4.67 18.54 15.33
CA TRP A 581 -4.91 17.42 14.41
C TRP A 581 -5.81 16.42 15.13
N VAL A 582 -6.90 16.02 14.49
CA VAL A 582 -7.88 15.16 15.14
C VAL A 582 -7.73 13.72 14.65
N CYS A 583 -7.45 12.82 15.59
CA CYS A 583 -7.45 11.39 15.34
C CYS A 583 -6.44 10.89 14.30
N GLU A 584 -5.21 11.40 14.36
CA GLU A 584 -4.12 10.82 13.55
C GLU A 584 -3.53 9.60 14.28
N GLU A 585 -2.48 9.82 15.07
CA GLU A 585 -1.95 8.71 15.90
C GLU A 585 -2.56 8.74 17.28
N ASP A 586 -2.71 9.93 17.82
CA ASP A 586 -3.39 10.13 19.09
C ASP A 586 -4.72 10.79 18.78
N HIS A 587 -5.66 10.71 19.72
CA HIS A 587 -6.96 11.33 19.53
C HIS A 587 -6.78 12.80 19.16
N MET A 588 -5.81 13.44 19.79
CA MET A 588 -5.44 14.82 19.45
C MET A 588 -3.95 15.10 19.53
N ARG A 589 -3.47 15.93 18.62
CA ARG A 589 -2.18 16.57 18.77
C ARG A 589 -2.55 18.05 18.83
N ILE A 590 -2.26 18.70 19.96
CA ILE A 590 -2.59 20.12 20.14
C ILE A 590 -1.31 20.94 20.03
N ILE A 591 -1.33 21.93 19.14
CA ILE A 591 -0.09 22.57 18.69
C ILE A 591 -0.16 24.09 18.79
N SER A 592 0.88 24.70 19.34
CA SER A 592 0.99 26.16 19.29
C SER A 592 2.29 26.50 18.58
N MET A 593 2.27 27.50 17.70
CA MET A 593 3.49 27.89 17.02
C MET A 593 3.40 29.29 16.45
N GLN A 594 4.57 29.88 16.16
CA GLN A 594 4.63 31.18 15.49
C GLN A 594 6.03 31.48 15.00
N GLN A 595 6.15 32.47 14.12
CA GLN A 595 7.46 32.96 13.69
C GLN A 595 8.19 33.58 14.86
N GLY A 596 9.51 33.51 14.85
CA GLY A 596 10.30 34.12 15.90
C GLY A 596 10.61 33.15 17.03
N GLY A 597 11.19 33.66 18.11
CA GLY A 597 11.65 32.81 19.19
C GLY A 597 10.95 33.04 20.52
N ASN A 598 9.76 33.62 20.49
CA ASN A 598 9.04 33.91 21.72
C ASN A 598 8.31 32.68 22.28
N LEU A 599 9.06 31.87 22.99
CA LEU A 599 8.58 30.61 23.56
C LEU A 599 7.51 30.84 24.62
N ALA A 600 7.64 31.93 25.38
CA ALA A 600 6.70 32.20 26.44
C ALA A 600 5.30 32.39 25.85
N ALA A 601 5.22 33.07 24.70
CA ALA A 601 3.93 33.33 24.06
C ALA A 601 3.35 32.09 23.38
N VAL A 602 4.21 31.25 22.80
CA VAL A 602 3.75 30.00 22.20
C VAL A 602 3.22 29.07 23.30
N TYR A 603 3.99 28.99 24.37
CA TYR A 603 3.67 28.11 25.50
C TYR A 603 2.36 28.54 26.17
N LYS A 604 2.23 29.83 26.43
CA LYS A 604 1.03 30.38 27.03
C LYS A 604 -0.21 30.03 26.19
N ARG A 605 -0.15 30.29 24.88
CA ARG A 605 -1.26 29.98 23.97
C ARG A 605 -1.58 28.48 24.00
N LEU A 606 -0.54 27.65 23.91
CA LEU A 606 -0.76 26.21 24.05
C LEU A 606 -1.50 25.84 25.34
N ILE A 607 -1.00 26.28 26.50
CA ILE A 607 -1.60 25.85 27.78
C ILE A 607 -3.08 26.27 27.87
N GLU A 608 -3.37 27.48 27.42
CA GLU A 608 -4.71 28.00 27.49
C GLU A 608 -5.63 27.21 26.56
N GLY A 609 -5.08 26.75 25.43
CA GLY A 609 -5.86 25.94 24.51
C GLY A 609 -6.16 24.55 25.04
N ILE A 610 -5.18 23.96 25.72
CA ILE A 610 -5.36 22.63 26.31
C ILE A 610 -6.45 22.69 27.37
N ASN A 611 -6.35 23.68 28.24
CA ASN A 611 -7.34 23.87 29.27
C ASN A 611 -8.75 24.08 28.71
N ALA A 612 -8.87 24.88 27.65
CA ALA A 612 -10.18 25.16 27.04
C ALA A 612 -10.81 23.89 26.44
N ILE A 613 -10.01 23.12 25.73
CA ILE A 613 -10.46 21.87 25.18
C ILE A 613 -10.89 20.92 26.30
N GLY A 614 -10.12 20.92 27.39
CA GLY A 614 -10.31 20.03 28.53
C GLY A 614 -11.59 20.25 29.31
N LYS A 615 -12.17 21.45 29.17
CA LYS A 615 -13.51 21.69 29.71
C LYS A 615 -14.56 20.72 29.18
N SER A 616 -14.40 20.21 27.96
CA SER A 616 -15.47 19.43 27.32
C SER A 616 -15.25 17.91 27.34
N MET A 617 -14.11 17.49 27.87
CA MET A 617 -13.81 16.05 27.88
C MET A 617 -12.70 15.74 28.90
N LYS A 618 -12.67 14.50 29.37
CA LYS A 618 -11.65 14.03 30.29
C LYS A 618 -10.47 13.44 29.50
N PHE A 619 -9.25 13.93 29.75
CA PHE A 619 -8.06 13.38 29.11
C PHE A 619 -7.62 12.11 29.83
N ALA A 620 -7.33 11.04 29.09
CA ALA A 620 -6.80 9.83 29.72
C ALA A 620 -5.48 10.13 30.50
N HIS A 621 -5.45 9.82 31.79
CA HIS A 621 -4.28 10.15 32.62
C HIS A 621 -3.95 9.02 33.60
N SER A 622 -2.67 8.79 33.86
CA SER A 622 -2.24 7.68 34.69
C SER A 622 -1.43 8.12 35.93
N ASP A 623 -1.69 7.46 37.05
CA ASP A 623 -0.90 7.70 38.26
C ASP A 623 0.56 7.29 38.02
N LYS A 624 0.74 6.21 37.27
CA LYS A 624 2.05 5.71 36.87
C LYS A 624 2.73 6.61 35.82
N TYR A 625 2.04 6.88 34.71
CA TYR A 625 2.71 7.46 33.53
C TYR A 625 2.28 8.88 33.12
N GLY A 626 1.40 9.54 33.87
CA GLY A 626 0.97 10.88 33.44
C GLY A 626 -0.03 10.78 32.29
N TYR A 627 0.02 11.70 31.33
CA TYR A 627 -0.92 11.63 30.22
C TYR A 627 -0.67 10.38 29.37
N ILE A 628 -1.75 9.67 29.10
CA ILE A 628 -1.70 8.45 28.30
C ILE A 628 -1.81 8.76 26.81
N THR A 629 -0.96 8.12 26.02
CA THR A 629 -0.93 8.31 24.58
C THR A 629 -0.79 6.94 23.91
N CYS A 630 -1.10 6.89 22.62
CA CYS A 630 -0.98 5.68 21.84
C CYS A 630 0.43 5.08 21.89
N CYS A 631 1.44 5.87 21.52
CA CYS A 631 2.82 5.41 21.62
C CYS A 631 3.37 5.65 23.03
N PRO A 632 4.01 4.64 23.62
CA PRO A 632 4.60 4.78 24.95
C PRO A 632 5.74 5.80 24.98
N SER A 633 6.26 6.17 23.82
CA SER A 633 7.32 7.16 23.75
C SER A 633 6.83 8.55 24.15
N ASN A 634 5.52 8.76 24.07
CA ASN A 634 4.96 10.09 24.28
C ASN A 634 4.08 10.29 25.51
N LEU A 635 4.33 9.50 26.55
CA LEU A 635 3.71 9.66 27.87
C LEU A 635 4.24 10.79 28.75
N GLY A 636 3.67 10.89 29.95
CA GLY A 636 4.09 11.90 30.93
C GLY A 636 3.48 13.24 30.59
N THR A 637 4.31 14.15 30.09
CA THR A 637 3.84 15.45 29.63
C THR A 637 3.27 15.36 28.22
N SER A 638 3.77 14.39 27.47
CA SER A 638 3.48 14.26 26.05
C SER A 638 3.84 15.53 25.30
N MET A 639 4.84 16.25 25.79
CA MET A 639 5.14 17.61 25.35
C MET A 639 6.43 17.69 24.59
N ARG A 640 6.34 18.30 23.42
CA ARG A 640 7.51 18.56 22.62
C ARG A 640 7.55 20.04 22.25
N ALA A 641 8.51 20.75 22.83
CA ALA A 641 8.78 22.14 22.47
C ALA A 641 9.98 22.19 21.54
N SER A 642 9.91 23.02 20.53
CA SER A 642 10.95 23.00 19.53
C SER A 642 11.17 24.35 18.90
N VAL A 643 12.32 24.51 18.28
CA VAL A 643 12.63 25.70 17.49
C VAL A 643 13.25 25.31 16.17
N LEU A 644 13.02 26.14 15.16
CA LEU A 644 13.79 26.04 13.94
C LEU A 644 15.00 26.97 14.09
N LEU A 645 16.18 26.37 14.29
CA LEU A 645 17.36 27.12 14.69
C LEU A 645 18.44 27.21 13.60
N LYS A 646 18.89 28.42 13.32
CA LYS A 646 20.01 28.63 12.38
C LYS A 646 21.35 28.71 13.11
N ILE A 647 22.13 27.66 12.99
CA ILE A 647 23.46 27.64 13.58
C ILE A 647 24.50 27.12 12.58
N PRO A 648 24.82 27.93 11.57
CA PRO A 648 25.76 27.54 10.50
C PRO A 648 27.13 27.12 11.03
N LYS A 649 27.62 27.85 12.03
CA LYS A 649 28.94 27.59 12.56
C LYS A 649 28.94 26.26 13.29
N LEU A 650 28.12 26.19 14.34
CA LEU A 650 28.12 25.05 15.26
C LEU A 650 27.79 23.72 14.56
N SER A 651 26.94 23.77 13.54
CA SER A 651 26.60 22.57 12.78
C SER A 651 27.81 22.06 11.99
N SER A 652 28.87 22.86 11.95
CA SER A 652 30.13 22.46 11.32
C SER A 652 31.24 22.15 12.34
N GLN A 653 30.88 22.05 13.61
CA GLN A 653 31.69 21.32 14.59
C GLN A 653 30.73 20.38 15.32
N PRO A 654 30.21 19.39 14.58
CA PRO A 654 28.97 18.65 14.86
C PRO A 654 28.97 17.65 16.03
N LYS A 655 30.03 17.59 16.83
CA LYS A 655 30.03 16.67 17.97
C LYS A 655 30.32 17.40 19.25
N LYS A 656 30.58 18.69 19.13
CA LYS A 656 30.45 19.60 20.26
C LYS A 656 29.05 20.18 20.07
N LEU A 657 28.41 19.74 19.00
CA LEU A 657 26.98 19.99 18.74
C LEU A 657 26.15 18.83 19.30
N ASP A 658 26.46 17.61 18.86
CA ASP A 658 25.76 16.43 19.32
C ASP A 658 26.09 16.10 20.77
N GLU A 659 26.99 16.89 21.36
CA GLU A 659 27.32 16.74 22.77
C GLU A 659 26.50 17.70 23.63
N ILE A 660 26.21 18.90 23.11
CA ILE A 660 25.26 19.77 23.82
C ILE A 660 23.93 19.05 23.89
N CYS A 661 23.48 18.57 22.74
CA CYS A 661 22.21 17.87 22.62
C CYS A 661 22.13 16.75 23.62
N ALA A 662 23.24 16.04 23.79
CA ALA A 662 23.33 14.95 24.75
C ALA A 662 23.18 15.44 26.19
N LYS A 663 24.02 16.41 26.57
CA LYS A 663 24.07 16.83 27.98
C LYS A 663 22.94 17.77 28.34
N TYR A 664 22.34 18.40 27.34
CA TYR A 664 21.16 19.24 27.59
C TYR A 664 19.87 18.50 27.17
N MET A 665 20.02 17.22 26.82
CA MET A 665 18.90 16.32 26.55
C MET A 665 17.98 16.89 25.48
N LEU A 666 18.61 17.26 24.37
CA LEU A 666 17.94 17.80 23.21
C LEU A 666 18.08 16.85 22.04
N GLN A 667 17.15 16.94 21.10
CA GLN A 667 17.24 16.19 19.86
C GLN A 667 17.40 17.18 18.73
N ALA A 668 18.22 16.85 17.74
CA ALA A 668 18.43 17.72 16.59
C ALA A 668 18.15 16.98 15.29
N ARG A 669 17.49 17.65 14.34
CA ARG A 669 17.24 17.07 13.03
C ARG A 669 17.40 18.14 11.93
N GLY A 670 18.15 17.81 10.88
CA GLY A 670 18.44 18.76 9.81
C GLY A 670 17.49 18.65 8.63
N GLY A 681 22.62 25.55 7.60
CA GLY A 681 22.95 25.29 8.99
C GLY A 681 21.72 25.39 9.89
N THR A 682 20.57 24.99 9.36
CA THR A 682 19.31 25.11 10.07
C THR A 682 18.87 23.77 10.66
N TYR A 683 18.68 23.75 11.97
CA TYR A 683 18.29 22.54 12.67
C TYR A 683 16.97 22.70 13.41
N ASP A 684 16.18 21.64 13.43
CA ASP A 684 15.03 21.56 14.32
C ASP A 684 15.47 20.98 15.66
N ILE A 685 15.42 21.78 16.71
CA ILE A 685 15.88 21.35 18.03
C ILE A 685 14.69 21.18 18.97
N SER A 686 14.64 20.07 19.68
CA SER A 686 13.56 19.88 20.64
C SER A 686 14.04 19.23 21.92
N ASN A 687 13.28 19.37 23.00
CA ASN A 687 13.56 18.59 24.20
C ASN A 687 13.36 17.13 23.89
N LYS A 688 14.23 16.28 24.44
CA LYS A 688 14.06 14.86 24.23
C LYS A 688 13.13 14.23 25.29
N ARG A 689 13.16 14.76 26.51
CA ARG A 689 12.39 14.16 27.60
C ARG A 689 10.90 14.34 27.43
N ARG A 690 10.12 13.38 27.91
CA ARG A 690 8.65 13.48 27.91
C ARG A 690 8.07 13.12 29.27
N LEU A 691 8.72 12.14 29.91
CA LEU A 691 8.22 11.51 31.12
C LEU A 691 9.26 11.66 32.24
N GLY A 692 8.80 11.95 33.45
CA GLY A 692 9.71 12.10 34.57
C GLY A 692 10.05 13.55 34.87
N LEU A 693 9.34 14.47 34.22
CA LEU A 693 9.57 15.88 34.42
C LEU A 693 8.24 16.63 34.22
N THR A 694 8.16 17.88 34.66
CA THR A 694 6.92 18.62 34.46
C THR A 694 6.91 19.30 33.08
N GLU A 695 5.75 19.83 32.70
CA GLU A 695 5.60 20.54 31.44
C GLU A 695 6.52 21.76 31.43
N LEU A 696 6.47 22.50 32.52
CA LEU A 696 7.33 23.66 32.72
C LEU A 696 8.82 23.30 32.55
N GLN A 697 9.25 22.21 33.18
CA GLN A 697 10.63 21.80 33.05
C GLN A 697 10.94 21.39 31.60
N ALA A 698 10.01 20.69 30.96
CA ALA A 698 10.19 20.28 29.57
C ALA A 698 10.49 21.48 28.68
N ALA A 699 9.65 22.51 28.81
CA ALA A 699 9.83 23.70 27.99
C ALA A 699 11.09 24.47 28.41
N HIS A 700 11.42 24.45 29.70
CA HIS A 700 12.61 25.16 30.18
C HIS A 700 13.90 24.46 29.75
N GLU A 701 13.88 23.13 29.74
CA GLU A 701 15.03 22.38 29.26
C GLU A 701 15.34 22.76 27.81
N MET A 702 14.32 22.82 26.96
CA MET A 702 14.54 23.21 25.57
C MET A 702 15.15 24.61 25.54
N ALA A 703 14.51 25.55 26.22
CA ALA A 703 14.99 26.94 26.25
C ALA A 703 16.44 27.06 26.73
N GLU A 704 16.76 26.44 27.86
CA GLU A 704 18.13 26.47 28.38
C GLU A 704 19.12 25.87 27.39
N GLY A 705 18.72 24.76 26.76
CA GLY A 705 19.55 24.11 25.76
C GLY A 705 19.75 24.95 24.51
N VAL A 706 18.71 25.66 24.09
CA VAL A 706 18.78 26.47 22.89
C VAL A 706 19.55 27.75 23.18
N ALA A 707 19.35 28.29 24.38
CA ALA A 707 20.10 29.48 24.81
C ALA A 707 21.60 29.22 24.86
N LYS A 708 21.96 28.02 25.31
CA LYS A 708 23.35 27.58 25.27
C LYS A 708 23.88 27.53 23.85
N MET A 709 23.17 26.82 22.99
CA MET A 709 23.54 26.71 21.57
C MET A 709 23.77 28.08 20.92
N ILE A 710 22.85 29.00 21.14
CA ILE A 710 22.94 30.33 20.54
C ILE A 710 24.18 31.06 21.06
N GLU A 711 24.40 31.01 22.36
CA GLU A 711 25.57 31.69 22.90
C GLU A 711 26.86 30.96 22.52
N ILE A 712 26.78 29.66 22.27
CA ILE A 712 27.92 28.93 21.73
C ILE A 712 28.20 29.42 20.32
N GLU A 713 27.12 29.61 19.55
CA GLU A 713 27.21 29.99 18.14
C GLU A 713 27.93 31.30 17.89
N LYS A 714 27.61 32.35 18.64
CA LYS A 714 28.27 33.65 18.49
C LYS A 714 29.73 33.51 18.87
N GLY A 715 30.01 32.52 19.71
CA GLY A 715 31.37 32.25 20.15
C GLY A 715 32.31 31.81 19.03
N LEU A 716 31.76 31.25 17.96
CA LEU A 716 32.58 30.78 16.83
C LEU A 716 32.78 31.85 15.76
N ARG B . -0.91 -3.38 -17.08
CA ARG B . -1.67 -3.17 -18.29
C ARG B . -2.09 -1.76 -18.62
O ARG B . -2.64 -1.04 -17.76
CB ARG B . -2.83 -4.10 -18.35
CG ARG B . -2.44 -5.46 -18.84
CD ARG B . -3.07 -5.62 -20.17
NE ARG B . -2.76 -6.91 -20.71
CZ ARG B . -3.66 -7.71 -21.21
NH1 ARG B . -3.31 -8.86 -21.69
NH2 ARG B . -4.91 -7.34 -21.21
OXT ARG B . -1.76 -1.49 -19.79
#